data_2W9S
#
_entry.id   2W9S
#
_cell.length_a   115.242
_cell.length_b   67.375
_cell.length_c   115.249
_cell.angle_alpha   90.00
_cell.angle_beta   120.00
_cell.angle_gamma   90.00
#
_symmetry.space_group_name_H-M   'P 1 2 1'
#
loop_
_entity.id
_entity.type
_entity.pdbx_description
1 polymer 'DIHYDROFOLATE REDUCTASE TYPE 1 FROM TN4003'
2 non-polymer GLYCEROL
3 non-polymer 'NADPH DIHYDRO-NICOTINAMIDE-ADENINE-DINUCLEOTIDE PHOSPHATE'
4 non-polymer TRIMETHOPRIM
5 water water
#
_entity_poly.entity_id   1
_entity_poly.type   'polypeptide(L)'
_entity_poly.pdbx_seq_one_letter_code
;MTLSIIVAHDKQRVIGYQNQLPWHLPNDLKHIKQLTTGNTLVMARKTFESIGKPLPNRRNVVLTNQASFHHEGVDVINSL
DEIKELSGHVFIFGGQTLYEAMIDQVDDMYITVIDGKFQGDTFFPPYTFEDWEVESSVEGQLDEKNTIPHTFLHLVRRKG
K
;
_entity_poly.pdbx_strand_id   A,B,C,D,E,F
#
# COMPACT_ATOMS: atom_id res chain seq x y z
N THR A 2 -24.00 -2.20 14.58
CA THR A 2 -22.80 -2.30 15.46
C THR A 2 -21.85 -1.22 15.03
N LEU A 3 -21.32 -0.52 16.03
CA LEU A 3 -20.30 0.49 15.82
C LEU A 3 -19.00 -0.01 16.50
N SER A 4 -17.91 -0.17 15.72
CA SER A 4 -16.71 -0.86 16.16
C SER A 4 -15.52 0.04 15.89
N ILE A 5 -14.58 0.13 16.82
CA ILE A 5 -13.23 0.64 16.48
C ILE A 5 -12.41 -0.47 15.85
N ILE A 6 -11.58 -0.12 14.87
CA ILE A 6 -10.56 -1.03 14.44
C ILE A 6 -9.26 -0.22 14.39
N VAL A 7 -8.22 -0.73 15.04
CA VAL A 7 -6.94 0.01 15.12
C VAL A 7 -5.78 -0.99 15.34
N ALA A 8 -4.57 -0.59 14.94
CA ALA A 8 -3.31 -1.29 15.32
C ALA A 8 -2.45 -0.29 16.10
N HIS A 9 -1.90 -0.72 17.24
CA HIS A 9 -1.02 0.16 18.01
C HIS A 9 0.10 -0.67 18.62
N ASP A 10 1.20 0.00 18.95
CA ASP A 10 2.38 -0.71 19.47
C ASP A 10 2.27 -0.67 21.00
N LYS A 11 3.29 -1.15 21.72
CA LYS A 11 3.14 -1.24 23.18
C LYS A 11 3.11 0.11 23.82
N GLN A 12 3.54 1.14 23.11
CA GLN A 12 3.42 2.50 23.65
C GLN A 12 2.04 3.13 23.27
N ARG A 13 1.18 2.37 22.59
CA ARG A 13 -0.05 2.90 21.98
C ARG A 13 0.19 4.01 20.92
N VAL A 14 1.36 4.02 20.30
CA VAL A 14 1.59 4.82 19.09
C VAL A 14 0.77 4.19 17.96
N ILE A 15 0.17 5.03 17.12
CA ILE A 15 -0.49 4.53 15.89
C ILE A 15 0.03 5.13 14.60
N GLY A 16 0.78 6.21 14.71
CA GLY A 16 1.14 6.92 13.47
C GLY A 16 2.31 7.85 13.60
N TYR A 17 2.92 8.17 12.45
CA TYR A 17 4.04 9.10 12.49
C TYR A 17 4.12 9.75 11.12
N GLN A 18 4.09 11.08 11.09
CA GLN A 18 4.11 11.81 9.79
C GLN A 18 3.00 11.34 8.82
N ASN A 19 1.81 11.09 9.38
CA ASN A 19 0.66 10.73 8.60
C ASN A 19 0.77 9.44 7.85
N GLN A 20 1.60 8.54 8.38
CA GLN A 20 1.75 7.16 7.89
C GLN A 20 1.76 6.18 9.05
N LEU A 21 1.60 4.89 8.76
CA LEU A 21 1.75 3.86 9.78
C LEU A 21 3.28 3.69 10.02
N PRO A 22 3.70 3.54 11.26
CA PRO A 22 5.15 3.37 11.50
C PRO A 22 5.68 2.02 10.92
N TRP A 23 4.87 0.98 10.98
CA TRP A 23 5.30 -0.39 10.61
C TRP A 23 4.61 -0.83 9.33
N HIS A 24 5.11 -1.88 8.70
CA HIS A 24 4.40 -2.50 7.58
C HIS A 24 4.11 -3.92 8.01
N LEU A 25 2.83 -4.27 8.23
CA LEU A 25 2.47 -5.58 8.72
C LEU A 25 1.33 -6.13 7.86
N PRO A 26 1.68 -6.87 6.79
CA PRO A 26 0.69 -7.40 5.87
C PRO A 26 -0.43 -8.17 6.59
N ASN A 27 -0.14 -8.85 7.68
CA ASN A 27 -1.16 -9.71 8.28
C ASN A 27 -2.24 -8.81 8.92
N ASP A 28 -1.83 -7.65 9.43
CA ASP A 28 -2.80 -6.64 9.90
C ASP A 28 -3.73 -6.14 8.80
N LEU A 29 -3.16 -5.85 7.63
CA LEU A 29 -3.96 -5.45 6.49
C LEU A 29 -4.93 -6.57 6.06
N LYS A 30 -4.46 -7.82 6.09
CA LYS A 30 -5.35 -8.94 5.79
C LYS A 30 -6.49 -8.98 6.81
N HIS A 31 -6.16 -8.67 8.06
CA HIS A 31 -7.14 -8.83 9.15
C HIS A 31 -8.25 -7.77 8.96
N ILE A 32 -7.80 -6.53 8.71
N ILE A 32 -7.86 -6.52 8.64
CA ILE A 32 -8.58 -5.37 8.25
CA ILE A 32 -8.81 -5.44 8.33
C ILE A 32 -9.60 -5.75 7.17
C ILE A 32 -9.71 -5.86 7.18
N LYS A 33 -9.11 -6.39 6.13
CA LYS A 33 -9.90 -6.80 5.00
C LYS A 33 -10.95 -7.83 5.40
N GLN A 34 -10.56 -8.81 6.20
CA GLN A 34 -11.49 -9.87 6.64
C GLN A 34 -12.65 -9.24 7.43
N LEU A 35 -12.36 -8.29 8.31
CA LEU A 35 -13.39 -7.70 9.16
C LEU A 35 -14.29 -6.71 8.45
N THR A 36 -13.73 -5.92 7.53
CA THR A 36 -14.45 -4.75 7.05
C THR A 36 -15.08 -4.93 5.66
N THR A 37 -14.74 -5.99 4.94
CA THR A 37 -15.27 -6.16 3.56
C THR A 37 -16.78 -6.19 3.65
N GLY A 38 -17.47 -5.41 2.78
CA GLY A 38 -18.94 -5.43 2.76
C GLY A 38 -19.60 -4.52 3.79
N ASN A 39 -18.77 -3.87 4.62
CA ASN A 39 -19.25 -3.03 5.71
C ASN A 39 -18.90 -1.58 5.43
N THR A 40 -18.94 -0.73 6.46
CA THR A 40 -18.76 0.70 6.22
C THR A 40 -17.54 1.19 7.02
N LEU A 41 -16.68 2.00 6.40
CA LEU A 41 -15.55 2.65 7.11
C LEU A 41 -15.84 4.11 7.29
N VAL A 42 -15.65 4.61 8.50
CA VAL A 42 -15.62 6.04 8.76
C VAL A 42 -14.16 6.41 9.08
N MET A 43 -13.57 7.25 8.24
CA MET A 43 -12.22 7.70 8.51
C MET A 43 -12.19 9.22 8.53
N ALA A 44 -11.34 9.77 9.38
CA ALA A 44 -11.26 11.21 9.52
C ALA A 44 -10.31 11.64 8.38
N ARG A 45 -10.20 12.94 8.09
CA ARG A 45 -9.71 13.35 6.77
C ARG A 45 -8.21 13.06 6.53
N LYS A 46 -7.36 13.25 7.54
CA LYS A 46 -5.90 13.06 7.31
C LYS A 46 -5.65 11.58 7.08
N THR A 47 -6.41 10.73 7.77
CA THR A 47 -6.30 9.29 7.51
C THR A 47 -6.66 8.97 6.05
N PHE A 48 -7.74 9.57 5.57
CA PHE A 48 -8.17 9.26 4.22
C PHE A 48 -7.05 9.70 3.28
N GLU A 49 -6.52 10.87 3.55
CA GLU A 49 -5.44 11.38 2.68
C GLU A 49 -4.16 10.58 2.74
N SER A 50 -3.88 9.96 3.89
CA SER A 50 -2.72 9.09 3.97
C SER A 50 -2.93 7.87 3.10
N ILE A 51 -4.13 7.30 3.14
CA ILE A 51 -4.40 6.09 2.37
C ILE A 51 -4.50 6.46 0.89
N GLY A 52 -5.11 7.61 0.61
CA GLY A 52 -5.06 8.23 -0.74
C GLY A 52 -6.25 7.95 -1.67
N LYS A 53 -7.01 6.89 -1.38
CA LYS A 53 -8.13 6.48 -2.22
C LYS A 53 -9.09 5.62 -1.35
N PRO A 54 -10.38 5.53 -1.72
CA PRO A 54 -11.21 4.66 -0.87
C PRO A 54 -10.81 3.19 -1.07
N LEU A 55 -11.09 2.36 -0.09
CA LEU A 55 -10.76 0.97 -0.19
C LEU A 55 -11.92 0.25 -0.85
N PRO A 56 -11.60 -0.69 -1.75
CA PRO A 56 -12.56 -1.43 -2.54
C PRO A 56 -13.50 -2.24 -1.64
N ASN A 57 -14.74 -2.47 -2.09
CA ASN A 57 -15.59 -3.52 -1.52
C ASN A 57 -16.08 -3.17 -0.11
N ARG A 58 -16.14 -1.88 0.16
CA ARG A 58 -16.87 -1.44 1.35
C ARG A 58 -17.23 -0.01 1.15
N ARG A 59 -18.12 0.50 2.00
CA ARG A 59 -18.53 1.88 1.85
C ARG A 59 -17.53 2.76 2.59
N ASN A 60 -17.02 3.81 1.94
CA ASN A 60 -16.03 4.68 2.55
C ASN A 60 -16.64 6.03 2.87
N VAL A 61 -16.64 6.37 4.14
CA VAL A 61 -17.18 7.65 4.59
C VAL A 61 -16.03 8.43 5.20
N VAL A 62 -15.90 9.71 4.82
CA VAL A 62 -14.83 10.54 5.35
C VAL A 62 -15.39 11.71 6.13
N LEU A 63 -14.76 12.03 7.27
CA LEU A 63 -15.29 13.03 8.18
C LEU A 63 -14.36 14.23 8.08
N THR A 64 -14.94 15.42 7.86
CA THR A 64 -14.14 16.59 7.57
C THR A 64 -15.04 17.81 7.83
N ASN A 65 -14.45 18.94 8.19
CA ASN A 65 -15.23 20.17 8.31
C ASN A 65 -15.10 21.01 7.02
N GLN A 66 -14.43 20.47 6.01
CA GLN A 66 -14.31 21.16 4.71
C GLN A 66 -15.56 20.95 3.84
N ALA A 67 -16.35 22.02 3.67
CA ALA A 67 -17.62 21.95 2.94
C ALA A 67 -17.41 21.52 1.51
N SER A 68 -16.30 21.91 0.90
CA SER A 68 -16.08 21.56 -0.52
C SER A 68 -15.36 20.25 -0.72
N PHE A 69 -15.15 19.50 0.36
CA PHE A 69 -14.44 18.23 0.24
C PHE A 69 -15.21 17.32 -0.67
N HIS A 70 -14.55 16.70 -1.62
CA HIS A 70 -15.26 15.74 -2.48
C HIS A 70 -14.26 14.78 -3.04
N HIS A 71 -14.65 13.51 -3.15
CA HIS A 71 -13.80 12.51 -3.75
C HIS A 71 -14.65 11.39 -4.30
N GLU A 72 -14.17 10.81 -5.39
CA GLU A 72 -14.86 9.76 -6.13
C GLU A 72 -14.98 8.50 -5.28
N GLY A 73 -16.21 8.07 -5.02
CA GLY A 73 -16.41 6.82 -4.28
C GLY A 73 -16.31 7.00 -2.78
N VAL A 74 -16.46 8.25 -2.32
CA VAL A 74 -16.42 8.56 -0.89
C VAL A 74 -17.70 9.33 -0.55
N ASP A 75 -18.43 8.91 0.49
CA ASP A 75 -19.44 9.80 1.09
C ASP A 75 -18.80 10.64 2.17
N VAL A 76 -19.31 11.85 2.39
CA VAL A 76 -18.64 12.84 3.25
C VAL A 76 -19.63 13.14 4.36
N ILE A 77 -19.14 13.17 5.61
CA ILE A 77 -19.89 13.71 6.74
C ILE A 77 -19.10 14.78 7.45
N ASN A 78 -19.76 15.61 8.28
CA ASN A 78 -19.14 16.83 8.81
C ASN A 78 -19.30 16.97 10.30
N SER A 79 -19.91 15.96 10.93
CA SER A 79 -20.00 15.93 12.38
C SER A 79 -20.11 14.51 12.86
N LEU A 80 -19.80 14.28 14.13
CA LEU A 80 -19.84 12.96 14.73
C LEU A 80 -21.25 12.42 14.85
N ASP A 81 -22.22 13.33 14.96
CA ASP A 81 -23.63 12.95 15.03
C ASP A 81 -24.07 12.17 13.78
N GLU A 82 -23.48 12.48 12.64
CA GLU A 82 -23.85 11.78 11.44
C GLU A 82 -23.43 10.32 11.43
N ILE A 83 -22.48 9.96 12.30
CA ILE A 83 -22.03 8.57 12.37
C ILE A 83 -23.16 7.64 12.77
N LYS A 84 -23.92 8.03 13.80
CA LYS A 84 -25.14 7.30 14.25
C LYS A 84 -26.11 6.95 13.12
N GLU A 85 -26.15 7.79 12.10
CA GLU A 85 -27.13 7.69 11.04
C GLU A 85 -26.74 6.68 9.97
N LEU A 86 -25.54 6.11 10.09
CA LEU A 86 -25.05 5.24 9.02
C LEU A 86 -25.61 3.85 9.32
N SER A 87 -25.99 3.08 8.31
CA SER A 87 -26.61 1.81 8.62
C SER A 87 -25.60 0.65 8.56
N GLY A 88 -25.94 -0.46 9.22
CA GLY A 88 -25.16 -1.68 9.14
C GLY A 88 -23.97 -1.62 10.09
N HIS A 89 -22.96 -2.43 9.84
CA HIS A 89 -21.79 -2.50 10.73
C HIS A 89 -20.82 -1.42 10.28
N VAL A 90 -20.58 -0.47 11.16
CA VAL A 90 -19.72 0.66 10.86
C VAL A 90 -18.39 0.56 11.66
N PHE A 91 -17.25 0.77 11.00
CA PHE A 91 -15.95 0.71 11.67
C PHE A 91 -15.35 2.08 11.70
N ILE A 92 -15.03 2.55 12.91
CA ILE A 92 -14.20 3.78 13.07
C ILE A 92 -12.74 3.38 12.73
N PHE A 93 -12.19 4.00 11.69
CA PHE A 93 -11.01 3.50 10.97
C PHE A 93 -9.81 4.41 11.25
N GLY A 94 -10.03 5.46 12.06
CA GLY A 94 -8.96 6.39 12.48
C GLY A 94 -9.08 7.79 11.87
N GLY A 95 -8.22 8.74 12.24
CA GLY A 95 -7.05 8.54 13.09
C GLY A 95 -7.32 8.98 14.51
N GLN A 96 -6.31 9.55 15.14
CA GLN A 96 -6.37 9.80 16.59
C GLN A 96 -7.60 10.64 16.94
N THR A 97 -7.87 11.67 16.11
CA THR A 97 -8.93 12.65 16.48
C THR A 97 -10.26 11.91 16.59
N LEU A 98 -10.44 10.95 15.68
CA LEU A 98 -11.67 10.20 15.65
C LEU A 98 -11.72 9.17 16.77
N TYR A 99 -10.62 8.45 16.95
CA TYR A 99 -10.55 7.49 18.08
C TYR A 99 -10.77 8.20 19.42
N GLU A 100 -10.17 9.36 19.60
CA GLU A 100 -10.40 10.10 20.86
C GLU A 100 -11.88 10.40 21.06
N ALA A 101 -12.51 10.84 19.97
CA ALA A 101 -13.90 11.31 19.99
C ALA A 101 -14.85 10.14 20.23
N MET A 102 -14.50 8.94 19.74
CA MET A 102 -15.44 7.84 19.66
C MET A 102 -15.25 6.70 20.66
N ILE A 103 -14.11 6.65 21.33
CA ILE A 103 -13.82 5.46 22.16
C ILE A 103 -14.89 5.26 23.23
N ASP A 104 -15.49 6.34 23.72
CA ASP A 104 -16.52 6.15 24.75
C ASP A 104 -17.90 5.83 24.15
N GLN A 105 -17.97 5.71 22.83
CA GLN A 105 -19.24 5.54 22.10
C GLN A 105 -19.37 4.16 21.43
N VAL A 106 -18.27 3.56 20.99
CA VAL A 106 -18.36 2.32 20.24
C VAL A 106 -18.81 1.13 21.08
N ASP A 107 -19.33 0.10 20.40
CA ASP A 107 -19.79 -1.12 21.03
C ASP A 107 -18.62 -2.06 21.32
N ASP A 108 -17.60 -2.01 20.48
CA ASP A 108 -16.54 -2.97 20.62
C ASP A 108 -15.33 -2.48 19.85
N MET A 109 -14.19 -3.15 20.00
CA MET A 109 -12.94 -2.69 19.39
C MET A 109 -12.20 -3.91 18.91
N TYR A 110 -11.67 -3.82 17.70
CA TYR A 110 -10.85 -4.88 17.17
C TYR A 110 -9.43 -4.28 17.14
N ILE A 111 -8.59 -4.68 18.10
CA ILE A 111 -7.22 -4.08 18.22
C ILE A 111 -6.16 -5.07 17.78
N THR A 112 -5.24 -4.63 16.92
CA THR A 112 -4.02 -5.40 16.65
C THR A 112 -2.90 -4.79 17.52
N VAL A 113 -2.47 -5.51 18.57
CA VAL A 113 -1.40 -5.05 19.46
C VAL A 113 -0.04 -5.52 18.91
N ILE A 114 0.77 -4.55 18.53
CA ILE A 114 2.04 -4.84 17.86
C ILE A 114 3.14 -4.86 18.96
N ASP A 115 3.88 -5.97 19.01
CA ASP A 115 4.86 -6.17 20.08
C ASP A 115 6.16 -5.48 19.60
N GLY A 116 6.21 -4.15 19.77
CA GLY A 116 7.25 -3.33 19.16
C GLY A 116 7.16 -1.98 19.82
N LYS A 117 8.15 -1.13 19.57
CA LYS A 117 8.16 0.23 20.13
C LYS A 117 8.65 1.07 18.96
N PHE A 118 7.73 1.83 18.34
CA PHE A 118 8.05 2.63 17.17
C PHE A 118 7.73 4.03 17.63
N GLN A 119 8.57 4.98 17.28
CA GLN A 119 8.29 6.34 17.70
C GLN A 119 7.13 6.89 16.84
N GLY A 120 6.36 7.81 17.42
CA GLY A 120 5.09 8.20 16.85
C GLY A 120 4.80 9.65 17.12
N ASP A 121 3.86 10.23 16.36
CA ASP A 121 3.29 11.51 16.76
C ASP A 121 1.80 11.45 17.01
N THR A 122 1.20 10.25 16.97
CA THR A 122 -0.22 10.16 17.28
C THR A 122 -0.43 8.87 18.11
N PHE A 123 -1.48 8.81 18.92
CA PHE A 123 -1.61 7.68 19.84
C PHE A 123 -3.05 7.20 19.82
N PHE A 124 -3.28 5.99 20.33
CA PHE A 124 -4.63 5.47 20.57
C PHE A 124 -4.89 5.74 22.04
N PRO A 125 -6.11 6.18 22.41
CA PRO A 125 -6.37 6.53 23.82
C PRO A 125 -6.22 5.29 24.73
N PRO A 126 -5.96 5.51 26.01
CA PRO A 126 -5.86 4.43 27.00
C PRO A 126 -7.19 3.68 27.04
N TYR A 127 -7.15 2.36 27.21
CA TYR A 127 -8.36 1.62 27.50
C TYR A 127 -8.09 0.55 28.60
N THR A 128 -9.10 0.27 29.42
CA THR A 128 -8.89 -0.43 30.68
C THR A 128 -9.72 -1.68 30.86
N PHE A 129 -9.33 -2.49 31.82
CA PHE A 129 -9.96 -3.80 32.02
C PHE A 129 -11.41 -3.65 32.48
N GLU A 130 -11.68 -2.59 33.23
CA GLU A 130 -12.97 -2.47 33.85
C GLU A 130 -14.04 -1.98 32.87
N ASP A 131 -13.62 -1.41 31.73
CA ASP A 131 -14.53 -0.95 30.67
C ASP A 131 -14.75 -1.98 29.61
N TRP A 132 -13.79 -2.88 29.42
CA TRP A 132 -13.81 -3.76 28.27
C TRP A 132 -13.53 -5.18 28.68
N GLU A 133 -14.25 -6.08 28.05
CA GLU A 133 -14.19 -7.48 28.32
C GLU A 133 -13.62 -8.11 27.07
N VAL A 134 -12.83 -9.15 27.23
CA VAL A 134 -12.12 -9.72 26.09
C VAL A 134 -13.00 -10.78 25.50
N GLU A 135 -13.40 -10.60 24.25
CA GLU A 135 -14.15 -11.64 23.56
C GLU A 135 -13.18 -12.64 22.94
N SER A 136 -12.06 -12.15 22.41
CA SER A 136 -11.07 -13.09 21.96
C SER A 136 -9.71 -12.42 21.95
N SER A 137 -8.67 -13.25 22.03
CA SER A 137 -7.28 -12.82 21.88
C SER A 137 -6.50 -13.96 21.25
N VAL A 138 -5.86 -13.73 20.12
CA VAL A 138 -5.10 -14.77 19.49
C VAL A 138 -3.89 -14.11 18.82
N GLU A 139 -2.83 -14.88 18.61
CA GLU A 139 -1.56 -14.34 18.10
C GLU A 139 -1.47 -14.47 16.63
N GLY A 140 -0.99 -13.44 15.98
CA GLY A 140 -0.84 -13.55 14.53
C GLY A 140 0.35 -14.45 14.21
N GLN A 141 0.30 -15.09 13.05
CA GLN A 141 1.33 -15.99 12.60
C GLN A 141 2.44 -15.16 11.96
N LEU A 142 3.69 -15.51 12.23
CA LEU A 142 4.80 -14.70 11.73
C LEU A 142 5.44 -15.46 10.59
N ASP A 143 6.09 -14.75 9.68
CA ASP A 143 6.69 -15.38 8.50
C ASP A 143 7.66 -14.40 7.83
N GLU A 144 8.10 -14.70 6.61
CA GLU A 144 9.12 -13.86 5.97
C GLU A 144 8.64 -12.42 5.86
N LYS A 145 7.35 -12.22 5.57
CA LYS A 145 6.77 -10.89 5.38
C LYS A 145 6.23 -10.26 6.66
N ASN A 146 5.92 -11.11 7.63
CA ASN A 146 5.39 -10.68 8.92
C ASN A 146 6.33 -11.00 10.08
N THR A 147 7.18 -10.03 10.44
CA THR A 147 8.29 -10.34 11.31
C THR A 147 8.12 -9.75 12.70
N ILE A 148 7.09 -8.95 12.92
CA ILE A 148 6.84 -8.40 14.24
C ILE A 148 5.70 -9.15 14.94
N PRO A 149 5.93 -9.61 16.17
CA PRO A 149 4.85 -10.32 16.89
C PRO A 149 3.61 -9.44 17.15
N HIS A 150 2.43 -10.04 17.03
CA HIS A 150 1.21 -9.23 17.12
C HIS A 150 0.04 -10.07 17.59
N THR A 151 -0.79 -9.44 18.40
CA THR A 151 -1.98 -10.08 18.96
C THR A 151 -3.23 -9.42 18.39
N PHE A 152 -4.19 -10.24 18.01
CA PHE A 152 -5.50 -9.72 17.64
C PHE A 152 -6.44 -9.83 18.79
N LEU A 153 -6.87 -8.68 19.27
CA LEU A 153 -7.71 -8.55 20.45
C LEU A 153 -9.08 -7.99 20.06
N HIS A 154 -10.14 -8.67 20.51
CA HIS A 154 -11.47 -8.19 20.29
C HIS A 154 -12.11 -7.95 21.65
N LEU A 155 -12.39 -6.68 21.92
CA LEU A 155 -12.92 -6.25 23.21
C LEU A 155 -14.33 -5.76 23.00
N VAL A 156 -15.19 -6.02 23.96
CA VAL A 156 -16.55 -5.60 23.92
C VAL A 156 -16.84 -4.79 25.19
N ARG A 157 -17.57 -3.70 25.07
CA ARG A 157 -17.82 -2.86 26.21
C ARG A 157 -18.58 -3.69 27.24
N ARG A 158 -18.27 -3.49 28.51
CA ARG A 158 -18.82 -4.26 29.61
C ARG A 158 -20.27 -3.85 29.88
N THR B 2 -22.33 -6.71 -35.39
CA THR B 2 -21.41 -7.48 -34.50
C THR B 2 -22.00 -7.41 -33.12
N LEU B 3 -22.01 -8.56 -32.44
CA LEU B 3 -22.45 -8.63 -31.06
C LEU B 3 -21.21 -9.03 -30.22
N SER B 4 -20.81 -8.17 -29.25
CA SER B 4 -19.55 -8.31 -28.51
C SER B 4 -19.88 -8.30 -27.02
N ILE B 5 -19.26 -9.22 -26.25
CA ILE B 5 -19.12 -9.00 -24.80
C ILE B 5 -18.05 -7.98 -24.47
N ILE B 6 -18.30 -7.16 -23.46
CA ILE B 6 -17.20 -6.37 -22.89
C ILE B 6 -17.31 -6.49 -21.36
N VAL B 7 -16.17 -6.82 -20.75
CA VAL B 7 -16.16 -7.18 -19.30
C VAL B 7 -14.72 -7.01 -18.74
N ALA B 8 -14.64 -6.73 -17.43
CA ALA B 8 -13.35 -6.80 -16.71
C ALA B 8 -13.55 -7.85 -15.62
N HIS B 9 -12.59 -8.75 -15.47
CA HIS B 9 -12.67 -9.70 -14.37
C HIS B 9 -11.27 -9.94 -13.81
N ASP B 10 -11.23 -10.51 -12.60
CA ASP B 10 -9.94 -10.72 -11.95
C ASP B 10 -9.57 -12.18 -12.17
N LYS B 11 -8.49 -12.62 -11.52
CA LYS B 11 -7.95 -13.93 -11.84
C LYS B 11 -8.87 -15.02 -11.39
N GLN B 12 -9.77 -14.71 -10.46
CA GLN B 12 -10.81 -15.71 -10.09
C GLN B 12 -12.09 -15.57 -10.94
N ARG B 13 -12.05 -14.69 -11.95
CA ARG B 13 -13.25 -14.34 -12.74
C ARG B 13 -14.41 -13.72 -11.91
N VAL B 14 -14.10 -13.10 -10.79
CA VAL B 14 -15.01 -12.22 -10.09
C VAL B 14 -15.23 -10.99 -10.97
N ILE B 15 -16.47 -10.51 -11.01
CA ILE B 15 -16.76 -9.23 -11.67
C ILE B 15 -17.45 -8.21 -10.79
N GLY B 16 -17.97 -8.60 -9.63
CA GLY B 16 -18.74 -7.59 -8.93
C GLY B 16 -18.96 -7.98 -7.48
N TYR B 17 -19.30 -7.00 -6.66
CA TYR B 17 -19.60 -7.31 -5.24
C TYR B 17 -20.56 -6.24 -4.73
N GLN B 18 -21.67 -6.64 -4.11
CA GLN B 18 -22.69 -5.68 -3.63
C GLN B 18 -23.09 -4.67 -4.72
N ASN B 19 -23.24 -5.19 -5.94
CA ASN B 19 -23.73 -4.40 -7.06
C ASN B 19 -22.81 -3.26 -7.47
N GLN B 20 -21.52 -3.44 -7.21
CA GLN B 20 -20.48 -2.49 -7.62
C GLN B 20 -19.30 -3.24 -8.19
N LEU B 21 -18.44 -2.54 -8.91
CA LEU B 21 -17.16 -3.12 -9.31
C LEU B 21 -16.23 -3.26 -8.06
N PRO B 22 -15.52 -4.37 -7.91
CA PRO B 22 -14.62 -4.57 -6.75
C PRO B 22 -13.27 -3.84 -6.83
N TRP B 23 -13.01 -3.06 -7.89
CA TRP B 23 -11.76 -2.29 -8.07
C TRP B 23 -12.08 -0.98 -8.76
N HIS B 24 -11.18 -0.02 -8.72
CA HIS B 24 -11.35 1.19 -9.52
C HIS B 24 -10.14 1.23 -10.45
N LEU B 25 -10.38 1.14 -11.76
CA LEU B 25 -9.27 1.09 -12.71
C LEU B 25 -9.61 1.99 -13.89
N PRO B 26 -9.23 3.29 -13.80
CA PRO B 26 -9.50 4.31 -14.79
C PRO B 26 -9.13 3.88 -16.21
N ASN B 27 -8.07 3.10 -16.38
CA ASN B 27 -7.64 2.72 -17.73
C ASN B 27 -8.65 1.74 -18.36
N ASP B 28 -9.32 0.94 -17.53
CA ASP B 28 -10.45 0.13 -17.99
C ASP B 28 -11.63 0.98 -18.47
N LEU B 29 -12.00 2.01 -17.70
CA LEU B 29 -13.08 2.90 -18.10
C LEU B 29 -12.70 3.63 -19.41
N LYS B 30 -11.44 4.04 -19.51
CA LYS B 30 -10.96 4.63 -20.78
C LYS B 30 -11.15 3.64 -21.93
N HIS B 31 -10.75 2.40 -21.70
CA HIS B 31 -10.84 1.36 -22.74
C HIS B 31 -12.28 1.12 -23.26
N ILE B 32 -13.24 0.97 -22.32
CA ILE B 32 -14.67 0.87 -22.62
C ILE B 32 -15.14 2.05 -23.46
N LYS B 33 -14.78 3.25 -23.04
CA LYS B 33 -15.16 4.46 -23.77
C LYS B 33 -14.62 4.45 -25.18
N GLN B 34 -13.38 4.02 -25.34
CA GLN B 34 -12.78 3.87 -26.69
C GLN B 34 -13.58 2.88 -27.56
N LEU B 35 -14.00 1.76 -26.99
CA LEU B 35 -14.64 0.72 -27.81
C LEU B 35 -16.13 0.98 -28.04
N THR B 36 -16.81 1.61 -27.09
CA THR B 36 -18.27 1.64 -27.15
C THR B 36 -18.84 2.98 -27.65
N THR B 37 -18.03 4.03 -27.68
CA THR B 37 -18.57 5.35 -28.13
C THR B 37 -19.23 5.20 -29.50
N GLY B 38 -20.45 5.71 -29.63
CA GLY B 38 -21.21 5.69 -30.89
C GLY B 38 -21.86 4.37 -31.24
N ASN B 39 -21.74 3.38 -30.35
CA ASN B 39 -22.28 2.04 -30.59
C ASN B 39 -23.37 1.86 -29.57
N THR B 40 -23.80 0.63 -29.36
CA THR B 40 -24.96 0.39 -28.51
C THR B 40 -24.54 -0.48 -27.31
N LEU B 41 -25.05 -0.14 -26.12
CA LEU B 41 -24.85 -0.96 -24.91
C LEU B 41 -26.16 -1.64 -24.54
N VAL B 42 -26.09 -2.94 -24.28
CA VAL B 42 -27.19 -3.63 -23.64
C VAL B 42 -26.70 -3.99 -22.24
N MET B 43 -27.40 -3.48 -21.24
CA MET B 43 -27.09 -3.86 -19.90
C MET B 43 -28.32 -4.40 -19.21
N ALA B 44 -28.11 -5.33 -18.30
CA ALA B 44 -29.22 -5.88 -17.54
C ALA B 44 -29.51 -4.89 -16.42
N ARG B 45 -30.64 -5.06 -15.71
CA ARG B 45 -31.20 -3.95 -14.95
C ARG B 45 -30.33 -3.54 -13.75
N LYS B 46 -29.77 -4.52 -13.02
CA LYS B 46 -29.00 -4.21 -11.81
C LYS B 46 -27.72 -3.50 -12.18
N THR B 47 -27.12 -3.92 -13.28
CA THR B 47 -25.99 -3.16 -13.82
C THR B 47 -26.37 -1.69 -14.07
N PHE B 48 -27.49 -1.49 -14.75
CA PHE B 48 -27.88 -0.13 -15.06
C PHE B 48 -28.06 0.65 -13.76
N GLU B 49 -28.72 0.05 -12.79
CA GLU B 49 -28.93 0.79 -11.53
C GLU B 49 -27.66 1.05 -10.75
N SER B 50 -26.69 0.14 -10.86
CA SER B 50 -25.37 0.42 -10.31
C SER B 50 -24.71 1.63 -10.95
N ILE B 51 -24.73 1.70 -12.27
CA ILE B 51 -24.14 2.85 -12.95
C ILE B 51 -25.00 4.11 -12.68
N GLY B 52 -26.33 3.94 -12.70
CA GLY B 52 -27.27 4.98 -12.21
C GLY B 52 -27.88 5.91 -13.28
N LYS B 53 -27.23 6.01 -14.44
CA LYS B 53 -27.72 6.85 -15.53
C LYS B 53 -27.14 6.29 -16.85
N PRO B 54 -27.77 6.60 -18.00
CA PRO B 54 -27.15 6.14 -19.26
C PRO B 54 -25.77 6.78 -19.49
N LEU B 55 -24.91 6.09 -20.21
CA LEU B 55 -23.62 6.66 -20.55
C LEU B 55 -23.73 7.50 -21.80
N PRO B 56 -23.11 8.67 -21.81
CA PRO B 56 -23.45 9.54 -22.91
C PRO B 56 -22.77 9.05 -24.18
N ASN B 57 -23.25 9.45 -25.36
CA ASN B 57 -22.53 9.21 -26.63
C ASN B 57 -22.58 7.74 -27.09
N ARG B 58 -23.56 7.01 -26.61
CA ARG B 58 -23.92 5.76 -27.23
C ARG B 58 -25.36 5.48 -26.87
N ARG B 59 -25.94 4.48 -27.55
CA ARG B 59 -27.30 4.10 -27.26
C ARG B 59 -27.30 3.15 -26.06
N ASN B 60 -28.17 3.41 -25.10
CA ASN B 60 -28.25 2.62 -23.87
C ASN B 60 -29.55 1.83 -23.87
N VAL B 61 -29.42 0.51 -23.89
CA VAL B 61 -30.57 -0.38 -23.81
C VAL B 61 -30.50 -1.16 -22.51
N VAL B 62 -31.62 -1.25 -21.78
CA VAL B 62 -31.66 -1.97 -20.51
C VAL B 62 -32.62 -3.13 -20.61
N LEU B 63 -32.21 -4.31 -20.13
CA LEU B 63 -32.99 -5.50 -20.23
C LEU B 63 -33.61 -5.73 -18.86
N THR B 64 -34.93 -5.94 -18.83
CA THR B 64 -35.64 -6.05 -17.56
C THR B 64 -36.97 -6.72 -17.84
N ASN B 65 -37.53 -7.38 -16.82
CA ASN B 65 -38.85 -7.96 -16.96
C ASN B 65 -39.89 -7.03 -16.36
N GLN B 66 -39.48 -5.87 -15.89
CA GLN B 66 -40.45 -4.88 -15.36
C GLN B 66 -41.15 -4.06 -16.45
N ALA B 67 -42.43 -4.35 -16.67
CA ALA B 67 -43.20 -3.71 -17.73
C ALA B 67 -43.19 -2.20 -17.58
N SER B 68 -43.21 -1.70 -16.34
CA SER B 68 -43.24 -0.23 -16.14
C SER B 68 -41.88 0.47 -16.09
N PHE B 69 -40.81 -0.30 -16.32
CA PHE B 69 -39.48 0.30 -16.18
C PHE B 69 -39.38 1.41 -17.18
N HIS B 70 -38.82 2.54 -16.76
CA HIS B 70 -38.63 3.60 -17.73
C HIS B 70 -37.59 4.55 -17.16
N HIS B 71 -36.75 5.08 -18.03
CA HIS B 71 -35.74 6.02 -17.62
C HIS B 71 -35.40 6.87 -18.81
N GLU B 72 -35.00 8.12 -18.52
CA GLU B 72 -34.64 9.10 -19.55
C GLU B 72 -33.36 8.68 -20.26
N GLY B 73 -33.42 8.58 -21.58
CA GLY B 73 -32.21 8.32 -22.36
C GLY B 73 -31.93 6.83 -22.47
N VAL B 74 -32.92 6.02 -22.11
CA VAL B 74 -32.74 4.56 -22.15
C VAL B 74 -33.85 3.91 -22.98
N ASP B 75 -33.49 3.02 -23.89
CA ASP B 75 -34.46 2.09 -24.49
C ASP B 75 -34.57 0.83 -23.65
N VAL B 76 -35.78 0.31 -23.49
CA VAL B 76 -36.00 -0.87 -22.66
C VAL B 76 -36.28 -2.06 -23.57
N ILE B 77 -35.67 -3.21 -23.29
CA ILE B 77 -36.14 -4.49 -23.84
C ILE B 77 -36.46 -5.52 -22.76
N ASN B 78 -37.24 -6.56 -23.10
CA ASN B 78 -37.76 -7.48 -22.08
C ASN B 78 -37.44 -8.94 -22.35
N SER B 79 -36.67 -9.21 -23.39
CA SER B 79 -36.20 -10.58 -23.58
C SER B 79 -34.94 -10.59 -24.42
N LEU B 80 -34.27 -11.73 -24.43
CA LEU B 80 -32.97 -11.83 -25.05
C LEU B 80 -33.09 -11.81 -26.56
N ASP B 81 -34.26 -12.25 -27.05
CA ASP B 81 -34.55 -12.26 -28.49
C ASP B 81 -34.51 -10.85 -29.08
N GLU B 82 -34.87 -9.86 -28.28
CA GLU B 82 -34.82 -8.49 -28.74
C GLU B 82 -33.41 -7.99 -29.02
N ILE B 83 -32.40 -8.65 -28.47
CA ILE B 83 -31.02 -8.17 -28.65
C ILE B 83 -30.62 -8.29 -30.12
N LYS B 84 -30.97 -9.41 -30.74
CA LYS B 84 -30.65 -9.64 -32.17
C LYS B 84 -31.28 -8.61 -33.13
N GLU B 85 -32.37 -7.99 -32.69
CA GLU B 85 -33.04 -6.95 -33.44
C GLU B 85 -32.37 -5.58 -33.38
N LEU B 86 -31.36 -5.42 -32.51
CA LEU B 86 -30.69 -4.13 -32.39
C LEU B 86 -29.70 -3.97 -33.53
N SER B 87 -29.55 -2.76 -34.05
CA SER B 87 -28.70 -2.62 -35.24
C SER B 87 -27.27 -2.15 -34.91
N GLY B 88 -26.33 -2.48 -35.78
CA GLY B 88 -24.99 -1.92 -35.67
C GLY B 88 -24.22 -2.73 -34.65
N HIS B 89 -23.21 -2.12 -34.03
CA HIS B 89 -22.31 -2.87 -33.13
C HIS B 89 -22.88 -2.79 -31.73
N VAL B 90 -23.23 -3.93 -31.20
CA VAL B 90 -23.90 -4.01 -29.91
C VAL B 90 -22.97 -4.69 -28.87
N PHE B 91 -22.80 -4.05 -27.73
CA PHE B 91 -21.97 -4.62 -26.66
C PHE B 91 -22.85 -5.10 -25.50
N ILE B 92 -22.70 -6.38 -25.13
CA ILE B 92 -23.27 -6.91 -23.86
C ILE B 92 -22.39 -6.39 -22.71
N PHE B 93 -22.98 -5.57 -21.84
CA PHE B 93 -22.24 -4.68 -20.92
C PHE B 93 -22.38 -5.19 -19.47
N GLY B 94 -23.10 -6.29 -19.26
CA GLY B 94 -23.23 -6.96 -17.97
C GLY B 94 -24.63 -6.90 -17.43
N GLY B 95 -24.92 -7.46 -16.26
CA GLY B 95 -23.95 -8.13 -15.43
C GLY B 95 -23.97 -9.63 -15.66
N GLN B 96 -23.84 -10.39 -14.57
CA GLN B 96 -23.61 -11.82 -14.68
C GLN B 96 -24.75 -12.50 -15.42
N THR B 97 -26.00 -12.13 -15.08
CA THR B 97 -27.14 -12.89 -15.69
C THR B 97 -27.11 -12.77 -17.22
N LEU B 98 -26.72 -11.60 -17.69
CA LEU B 98 -26.62 -11.38 -19.13
C LEU B 98 -25.42 -12.08 -19.72
N TYR B 99 -24.26 -11.99 -19.05
CA TYR B 99 -23.08 -12.70 -19.56
C TYR B 99 -23.34 -14.18 -19.63
N GLU B 100 -23.99 -14.74 -18.62
CA GLU B 100 -24.26 -16.16 -18.67
C GLU B 100 -25.16 -16.52 -19.86
N ALA B 101 -26.16 -15.67 -20.08
CA ALA B 101 -27.16 -15.89 -21.13
C ALA B 101 -26.53 -15.77 -22.51
N MET B 102 -25.52 -14.92 -22.66
CA MET B 102 -25.07 -14.51 -23.99
C MET B 102 -23.71 -15.07 -24.44
N ILE B 103 -22.95 -15.61 -23.51
CA ILE B 103 -21.57 -15.99 -23.83
C ILE B 103 -21.55 -16.95 -25.00
N ASP B 104 -22.59 -17.78 -25.12
CA ASP B 104 -22.58 -18.75 -26.23
C ASP B 104 -23.13 -18.17 -27.53
N GLN B 105 -23.46 -16.88 -27.51
CA GLN B 105 -24.13 -16.21 -28.63
C GLN B 105 -23.26 -15.14 -29.25
N VAL B 106 -22.40 -14.49 -28.47
CA VAL B 106 -21.65 -13.37 -29.04
C VAL B 106 -20.61 -13.73 -30.08
N ASP B 107 -20.25 -12.76 -30.90
CA ASP B 107 -19.23 -12.97 -31.93
C ASP B 107 -17.82 -12.88 -31.35
N ASP B 108 -17.63 -11.98 -30.39
CA ASP B 108 -16.30 -11.77 -29.87
C ASP B 108 -16.39 -11.20 -28.48
N MET B 109 -15.27 -11.12 -27.77
CA MET B 109 -15.27 -10.58 -26.39
C MET B 109 -14.07 -9.67 -26.21
N TYR B 110 -14.29 -8.56 -25.52
CA TYR B 110 -13.20 -7.64 -25.19
C TYR B 110 -13.08 -7.74 -23.66
N ILE B 111 -12.08 -8.50 -23.20
CA ILE B 111 -11.93 -8.76 -21.75
C ILE B 111 -10.78 -7.95 -21.20
N THR B 112 -10.99 -7.24 -20.11
CA THR B 112 -9.89 -6.67 -19.33
C THR B 112 -9.60 -7.67 -18.17
N VAL B 113 -8.44 -8.36 -18.22
CA VAL B 113 -8.12 -9.35 -17.15
C VAL B 113 -7.25 -8.62 -16.10
N ILE B 114 -7.76 -8.57 -14.89
CA ILE B 114 -7.14 -7.76 -13.85
C ILE B 114 -6.32 -8.72 -12.99
N ASP B 115 -5.02 -8.40 -12.84
CA ASP B 115 -4.07 -9.29 -12.18
C ASP B 115 -4.19 -9.08 -10.66
N GLY B 116 -5.21 -9.68 -10.07
CA GLY B 116 -5.62 -9.33 -8.71
C GLY B 116 -6.62 -10.39 -8.25
N LYS B 117 -6.94 -10.38 -6.97
CA LYS B 117 -7.90 -11.35 -6.41
C LYS B 117 -8.72 -10.54 -5.45
N PHE B 118 -9.98 -10.30 -5.82
CA PHE B 118 -10.86 -9.41 -5.09
C PHE B 118 -12.02 -10.30 -4.80
N GLN B 119 -12.56 -10.25 -3.60
CA GLN B 119 -13.68 -11.11 -3.29
C GLN B 119 -14.94 -10.52 -3.97
N GLY B 120 -15.87 -11.41 -4.35
CA GLY B 120 -16.99 -11.02 -5.17
C GLY B 120 -18.23 -11.82 -4.84
N ASP B 121 -19.37 -11.35 -5.33
CA ASP B 121 -20.59 -12.18 -5.33
C ASP B 121 -21.12 -12.46 -6.72
N THR B 122 -20.39 -12.08 -7.77
CA THR B 122 -20.83 -12.34 -9.14
C THR B 122 -19.59 -12.66 -9.98
N PHE B 123 -19.76 -13.50 -10.99
CA PHE B 123 -18.62 -14.00 -11.74
C PHE B 123 -18.86 -13.83 -13.24
N PHE B 124 -17.78 -13.87 -14.01
CA PHE B 124 -17.93 -14.06 -15.45
C PHE B 124 -17.81 -15.56 -15.76
N PRO B 125 -18.61 -16.13 -16.69
CA PRO B 125 -18.53 -17.58 -16.92
C PRO B 125 -17.17 -18.00 -17.48
N PRO B 126 -16.82 -19.28 -17.29
CA PRO B 126 -15.60 -19.91 -17.81
C PRO B 126 -15.53 -19.68 -19.32
N TYR B 127 -14.35 -19.37 -19.87
CA TYR B 127 -14.17 -19.42 -21.32
C TYR B 127 -12.82 -20.08 -21.71
N THR B 128 -12.81 -20.86 -22.79
CA THR B 128 -11.72 -21.81 -23.04
C THR B 128 -11.02 -21.56 -24.35
N PHE B 129 -9.83 -22.17 -24.52
CA PHE B 129 -8.97 -21.91 -25.69
C PHE B 129 -9.58 -22.46 -26.98
N GLU B 130 -10.35 -23.53 -26.84
CA GLU B 130 -10.87 -24.23 -27.99
C GLU B 130 -12.07 -23.54 -28.61
N ASP B 131 -12.66 -22.58 -27.87
CA ASP B 131 -13.84 -21.81 -28.32
C ASP B 131 -13.42 -20.47 -28.86
N TRP B 132 -12.29 -19.97 -28.39
CA TRP B 132 -11.90 -18.59 -28.64
C TRP B 132 -10.49 -18.46 -29.15
N GLU B 133 -10.30 -17.64 -30.14
CA GLU B 133 -9.02 -17.39 -30.74
C GLU B 133 -8.63 -15.99 -30.27
N VAL B 134 -7.34 -15.74 -30.05
CA VAL B 134 -6.91 -14.44 -29.58
C VAL B 134 -6.61 -13.56 -30.77
N GLU B 135 -7.37 -12.48 -30.91
CA GLU B 135 -7.07 -11.51 -31.93
C GLU B 135 -5.98 -10.57 -31.43
N SER B 136 -6.06 -10.18 -30.16
CA SER B 136 -4.98 -9.41 -29.61
C SER B 136 -4.92 -9.55 -28.10
N SER B 137 -3.73 -9.27 -27.56
CA SER B 137 -3.53 -9.25 -26.11
C SER B 137 -2.44 -8.25 -25.84
N VAL B 138 -2.74 -7.18 -25.11
CA VAL B 138 -1.74 -6.24 -24.76
C VAL B 138 -1.91 -5.79 -23.31
N GLU B 139 -0.81 -5.33 -22.71
CA GLU B 139 -0.83 -4.97 -21.28
C GLU B 139 -1.15 -3.55 -21.09
N GLY B 140 -2.00 -3.25 -20.13
CA GLY B 140 -2.28 -1.82 -19.89
C GLY B 140 -1.12 -1.15 -19.19
N GLN B 141 -1.02 0.16 -19.31
CA GLN B 141 0.07 0.94 -18.74
C GLN B 141 -0.32 1.28 -17.31
N LEU B 142 0.63 1.20 -16.39
CA LEU B 142 0.32 1.44 -14.99
C LEU B 142 0.86 2.82 -14.65
N ASP B 143 0.26 3.45 -13.66
CA ASP B 143 0.69 4.79 -13.26
C ASP B 143 0.08 5.09 -11.88
N GLU B 144 0.11 6.36 -11.50
CA GLU B 144 -0.34 6.81 -10.18
C GLU B 144 -1.76 6.34 -9.92
N LYS B 145 -2.62 6.48 -10.93
CA LYS B 145 -4.06 6.21 -10.81
C LYS B 145 -4.40 4.77 -11.19
N ASN B 146 -3.48 4.14 -11.92
CA ASN B 146 -3.67 2.77 -12.35
C ASN B 146 -2.61 1.83 -11.79
N THR B 147 -2.93 1.16 -10.69
CA THR B 147 -1.88 0.51 -9.91
C THR B 147 -1.96 -1.01 -10.00
N ILE B 148 -3.00 -1.53 -10.63
CA ILE B 148 -3.16 -2.96 -10.72
C ILE B 148 -2.85 -3.40 -12.16
N PRO B 149 -1.95 -4.38 -12.32
CA PRO B 149 -1.60 -4.77 -13.70
C PRO B 149 -2.84 -5.34 -14.40
N HIS B 150 -2.91 -5.14 -15.72
CA HIS B 150 -4.14 -5.59 -16.42
C HIS B 150 -3.81 -5.84 -17.87
N THR B 151 -4.47 -6.85 -18.43
CA THR B 151 -4.30 -7.22 -19.82
C THR B 151 -5.62 -6.98 -20.57
N PHE B 152 -5.50 -6.35 -21.75
CA PHE B 152 -6.64 -6.19 -22.65
C PHE B 152 -6.60 -7.28 -23.67
N LEU B 153 -7.60 -8.14 -23.59
CA LEU B 153 -7.70 -9.31 -24.41
C LEU B 153 -8.92 -9.23 -25.35
N HIS B 154 -8.67 -9.43 -26.65
CA HIS B 154 -9.76 -9.49 -27.60
C HIS B 154 -9.85 -10.87 -28.21
N LEU B 155 -10.95 -11.56 -27.96
CA LEU B 155 -11.12 -12.94 -28.37
C LEU B 155 -12.24 -13.03 -29.38
N VAL B 156 -12.10 -13.90 -30.35
CA VAL B 156 -13.07 -14.02 -31.41
C VAL B 156 -13.45 -15.48 -31.44
N ARG B 157 -14.73 -15.76 -31.60
CA ARG B 157 -15.20 -17.12 -31.59
C ARG B 157 -14.52 -17.88 -32.73
N ARG B 158 -14.12 -19.11 -32.47
CA ARG B 158 -13.50 -19.96 -33.49
C ARG B 158 -14.52 -20.42 -34.53
N THR C 2 19.92 19.79 3.95
CA THR C 2 21.25 19.26 4.37
C THR C 2 21.37 17.91 3.71
N LEU C 3 22.53 17.68 3.09
CA LEU C 3 22.84 16.38 2.52
C LEU C 3 24.01 15.76 3.34
N SER C 4 23.79 14.59 3.94
CA SER C 4 24.70 13.99 4.94
C SER C 4 25.06 12.58 4.47
N ILE C 5 26.34 12.19 4.57
CA ILE C 5 26.66 10.74 4.55
C ILE C 5 26.39 10.13 5.91
N ILE C 6 25.94 8.89 5.97
CA ILE C 6 25.95 8.17 7.23
C ILE C 6 26.53 6.78 6.90
N VAL C 7 27.53 6.37 7.68
CA VAL C 7 28.26 5.11 7.38
C VAL C 7 28.91 4.57 8.64
N ALA C 8 29.14 3.24 8.70
CA ALA C 8 29.99 2.65 9.72
C ALA C 8 31.13 1.92 9.00
N HIS C 9 32.36 2.11 9.48
CA HIS C 9 33.48 1.39 8.84
C HIS C 9 34.50 1.04 9.92
N ASP C 10 35.32 0.02 9.60
CA ASP C 10 36.34 -0.46 10.55
C ASP C 10 37.64 0.25 10.26
N LYS C 11 38.71 -0.13 10.96
CA LYS C 11 39.94 0.65 10.87
C LYS C 11 40.58 0.57 9.50
N GLN C 12 40.20 -0.43 8.73
CA GLN C 12 40.70 -0.52 7.35
C GLN C 12 39.78 0.22 6.35
N ARG C 13 38.72 0.88 6.86
CA ARG C 13 37.63 1.43 6.04
C ARG C 13 36.85 0.38 5.22
N VAL C 14 36.82 -0.87 5.68
CA VAL C 14 35.88 -1.85 5.17
C VAL C 14 34.47 -1.44 5.64
N ILE C 15 33.49 -1.59 4.75
CA ILE C 15 32.06 -1.39 5.11
C ILE C 15 31.19 -2.60 4.80
N GLY C 16 31.68 -3.57 4.04
CA GLY C 16 30.74 -4.62 3.66
C GLY C 16 31.42 -5.87 3.17
N TYR C 17 30.73 -6.99 3.26
CA TYR C 17 31.32 -8.21 2.64
C TYR C 17 30.20 -9.11 2.19
N GLN C 18 30.23 -9.56 0.93
CA GLN C 18 29.14 -10.40 0.41
C GLN C 18 27.75 -9.73 0.61
N ASN C 19 27.68 -8.43 0.36
CA ASN C 19 26.42 -7.71 0.46
C ASN C 19 25.76 -7.69 1.82
N GLN C 20 26.56 -7.85 2.87
CA GLN C 20 26.12 -7.69 4.26
C GLN C 20 27.11 -6.85 5.06
N LEU C 21 26.68 -6.42 6.24
CA LEU C 21 27.64 -5.78 7.16
C LEU C 21 28.47 -6.89 7.79
N PRO C 22 29.78 -6.68 7.94
CA PRO C 22 30.61 -7.71 8.57
C PRO C 22 30.22 -7.95 10.05
N TRP C 23 30.04 -6.86 10.79
CA TRP C 23 29.78 -6.90 12.24
C TRP C 23 28.28 -6.79 12.57
N HIS C 24 27.91 -7.14 13.80
CA HIS C 24 26.59 -6.78 14.28
C HIS C 24 26.79 -5.83 15.46
N LEU C 25 26.36 -4.57 15.33
CA LEU C 25 26.59 -3.57 16.36
C LEU C 25 25.30 -2.79 16.62
N PRO C 26 24.48 -3.30 17.55
CA PRO C 26 23.20 -2.69 17.81
C PRO C 26 23.28 -1.19 18.12
N ASN C 27 24.31 -0.72 18.81
CA ASN C 27 24.36 0.69 19.18
C ASN C 27 24.47 1.53 17.90
N ASP C 28 25.09 0.97 16.86
CA ASP C 28 25.21 1.67 15.56
C ASP C 28 23.82 1.77 14.92
N LEU C 29 23.04 0.69 15.01
CA LEU C 29 21.69 0.71 14.49
C LEU C 29 20.82 1.71 15.27
N LYS C 30 21.05 1.79 16.57
CA LYS C 30 20.31 2.75 17.39
C LYS C 30 20.68 4.16 16.91
N HIS C 31 21.95 4.34 16.63
CA HIS C 31 22.46 5.65 16.27
C HIS C 31 21.83 6.15 14.93
N ILE C 32 21.84 5.29 13.91
N ILE C 32 21.84 5.26 13.95
CA ILE C 32 21.11 5.50 12.65
CA ILE C 32 21.11 5.35 12.67
C ILE C 32 19.68 5.94 12.96
C ILE C 32 19.66 5.77 12.81
N LYS C 33 18.99 5.14 13.75
CA LYS C 33 17.59 5.42 13.99
C LYS C 33 17.41 6.81 14.56
N GLN C 34 18.25 7.19 15.51
CA GLN C 34 18.16 8.51 16.16
C GLN C 34 18.35 9.62 15.11
N LEU C 35 19.27 9.41 14.18
CA LEU C 35 19.62 10.48 13.23
C LEU C 35 18.64 10.58 12.06
N THR C 36 18.15 9.46 11.58
CA THR C 36 17.48 9.46 10.31
C THR C 36 15.94 9.38 10.45
N THR C 37 15.42 9.09 11.65
CA THR C 37 13.95 9.05 11.76
C THR C 37 13.31 10.35 11.30
N GLY C 38 12.25 10.24 10.48
CA GLY C 38 11.53 11.43 9.95
C GLY C 38 12.22 12.14 8.79
N ASN C 39 13.36 11.60 8.34
CA ASN C 39 14.19 12.26 7.33
C ASN C 39 14.20 11.34 6.12
N THR C 40 15.10 11.57 5.17
CA THR C 40 15.05 10.80 3.94
C THR C 40 16.34 9.97 3.79
N LEU C 41 16.18 8.73 3.35
CA LEU C 41 17.33 7.86 3.03
C LEU C 41 17.41 7.71 1.55
N VAL C 42 18.61 7.96 1.00
CA VAL C 42 18.93 7.51 -0.34
C VAL C 42 19.89 6.30 -0.27
N MET C 43 19.47 5.17 -0.80
CA MET C 43 20.34 4.01 -0.82
C MET C 43 20.45 3.45 -2.21
N ALA C 44 21.62 2.97 -2.56
CA ALA C 44 21.80 2.39 -3.87
C ALA C 44 21.22 0.99 -3.83
N ARG C 45 21.08 0.35 -5.01
CA ARG C 45 20.17 -0.80 -5.12
C ARG C 45 20.63 -2.03 -4.30
N LYS C 46 21.92 -2.34 -4.30
CA LYS C 46 22.39 -3.60 -3.64
C LYS C 46 22.22 -3.46 -2.14
N THR C 47 22.44 -2.23 -1.65
CA THR C 47 22.20 -1.94 -0.25
C THR C 47 20.74 -2.16 0.13
N PHE C 48 19.84 -1.62 -0.69
CA PHE C 48 18.43 -1.80 -0.40
C PHE C 48 18.13 -3.30 -0.40
N GLU C 49 18.63 -4.03 -1.38
CA GLU C 49 18.33 -5.47 -1.39
C GLU C 49 18.96 -6.23 -0.22
N SER C 50 20.10 -5.75 0.29
CA SER C 50 20.66 -6.33 1.52
C SER C 50 19.74 -6.13 2.72
N ILE C 51 19.24 -4.91 2.92
CA ILE C 51 18.29 -4.65 3.98
C ILE C 51 16.97 -5.36 3.70
N GLY C 52 16.51 -5.30 2.44
CA GLY C 52 15.40 -6.17 1.98
C GLY C 52 13.99 -5.54 2.01
N LYS C 53 13.84 -4.44 2.76
CA LYS C 53 12.55 -3.75 2.93
C LYS C 53 12.86 -2.28 3.28
N PRO C 54 11.94 -1.34 2.98
CA PRO C 54 12.24 0.00 3.50
C PRO C 54 12.22 0.08 5.03
N LEU C 55 12.92 1.04 5.58
CA LEU C 55 12.96 1.20 7.02
C LEU C 55 11.81 2.10 7.41
N PRO C 56 11.12 1.75 8.52
CA PRO C 56 9.95 2.42 9.08
C PRO C 56 10.26 3.89 9.33
N ASN C 57 9.27 4.77 9.15
CA ASN C 57 9.32 6.11 9.76
C ASN C 57 10.37 6.99 9.08
N ARG C 58 10.71 6.70 7.85
CA ARG C 58 11.37 7.73 7.07
C ARG C 58 11.12 7.47 5.63
N ARG C 59 11.46 8.42 4.78
CA ARG C 59 11.27 8.25 3.36
C ARG C 59 12.43 7.44 2.82
N ASN C 60 12.13 6.38 2.06
CA ASN C 60 13.17 5.51 1.49
C ASN C 60 13.22 5.71 -0.01
N VAL C 61 14.37 6.16 -0.52
CA VAL C 61 14.57 6.36 -1.95
C VAL C 61 15.67 5.42 -2.36
N VAL C 62 15.50 4.72 -3.49
CA VAL C 62 16.48 3.75 -3.96
C VAL C 62 16.98 4.19 -5.34
N LEU C 63 18.31 4.18 -5.53
CA LEU C 63 18.94 4.57 -6.78
C LEU C 63 19.29 3.32 -7.58
N THR C 64 18.85 3.28 -8.84
CA THR C 64 19.00 2.09 -9.67
C THR C 64 18.91 2.53 -11.15
N ASN C 65 19.52 1.79 -12.05
CA ASN C 65 19.34 2.10 -13.46
C ASN C 65 18.27 1.18 -14.05
N GLN C 66 17.64 0.36 -13.21
CA GLN C 66 16.59 -0.53 -13.72
C GLN C 66 15.24 0.18 -13.81
N ALA C 67 14.81 0.46 -15.05
CA ALA C 67 13.56 1.17 -15.28
C ALA C 67 12.39 0.44 -14.61
N SER C 68 12.39 -0.89 -14.62
CA SER C 68 11.24 -1.64 -14.07
C SER C 68 11.26 -1.78 -12.56
N PHE C 69 12.24 -1.16 -11.90
CA PHE C 69 12.40 -1.41 -10.47
C PHE C 69 11.22 -0.84 -9.73
N HIS C 70 10.67 -1.59 -8.79
CA HIS C 70 9.59 -1.03 -8.00
C HIS C 70 9.46 -1.83 -6.74
N HIS C 71 9.14 -1.16 -5.64
CA HIS C 71 8.96 -1.83 -4.38
C HIS C 71 8.04 -0.94 -3.56
N GLU C 72 7.12 -1.56 -2.82
CA GLU C 72 6.14 -0.80 -2.06
C GLU C 72 6.84 -0.14 -0.88
N GLY C 73 6.61 1.16 -0.72
CA GLY C 73 7.19 1.88 0.40
C GLY C 73 8.47 2.59 -0.05
N VAL C 74 8.78 2.54 -1.34
CA VAL C 74 10.06 3.06 -1.80
C VAL C 74 9.85 3.97 -3.00
N ASP C 75 10.42 5.16 -2.98
CA ASP C 75 10.52 5.96 -4.20
C ASP C 75 11.79 5.58 -4.95
N VAL C 76 11.79 5.66 -6.27
CA VAL C 76 12.92 5.22 -7.08
C VAL C 76 13.48 6.43 -7.79
N ILE C 77 14.81 6.61 -7.79
CA ILE C 77 15.49 7.56 -8.69
C ILE C 77 16.55 6.84 -9.53
N ASN C 78 16.98 7.45 -10.65
CA ASN C 78 17.84 6.76 -11.61
C ASN C 78 19.09 7.52 -11.95
N SER C 79 19.32 8.63 -11.27
CA SER C 79 20.59 9.29 -11.45
C SER C 79 20.89 10.14 -10.22
N LEU C 80 22.16 10.50 -10.07
CA LEU C 80 22.61 11.27 -8.92
C LEU C 80 22.06 12.66 -8.89
N ASP C 81 21.75 13.19 -10.08
CA ASP C 81 21.19 14.54 -10.15
C ASP C 81 19.83 14.62 -9.46
N GLU C 82 19.11 13.51 -9.44
CA GLU C 82 17.84 13.51 -8.73
C GLU C 82 17.94 13.68 -7.24
N ILE C 83 19.13 13.49 -6.68
CA ILE C 83 19.29 13.51 -5.23
C ILE C 83 19.08 14.93 -4.72
N LYS C 84 19.64 15.91 -5.44
CA LYS C 84 19.50 17.33 -5.08
C LYS C 84 18.07 17.88 -5.09
N GLU C 85 17.19 17.16 -5.78
CA GLU C 85 15.78 17.52 -5.86
C GLU C 85 14.96 17.01 -4.69
N LEU C 86 15.58 16.22 -3.79
CA LEU C 86 14.85 15.70 -2.62
C LEU C 86 14.81 16.76 -1.54
N SER C 87 13.69 16.90 -0.83
CA SER C 87 13.63 18.03 0.09
C SER C 87 13.99 17.59 1.51
N GLY C 88 14.41 18.53 2.35
CA GLY C 88 14.53 18.22 3.77
C GLY C 88 15.91 17.63 4.01
N HIS C 89 16.09 16.95 5.14
CA HIS C 89 17.41 16.36 5.47
C HIS C 89 17.55 15.00 4.80
N VAL C 90 18.50 14.88 3.90
CA VAL C 90 18.69 13.65 3.15
C VAL C 90 20.02 12.96 3.55
N PHE C 91 19.96 11.64 3.74
CA PHE C 91 21.10 10.83 4.18
C PHE C 91 21.47 9.90 3.08
N ILE C 92 22.72 10.02 2.61
CA ILE C 92 23.30 8.97 1.74
C ILE C 92 23.64 7.74 2.61
N PHE C 93 22.99 6.61 2.32
CA PHE C 93 22.86 5.51 3.26
C PHE C 93 23.71 4.34 2.77
N GLY C 94 24.39 4.53 1.62
CA GLY C 94 25.30 3.51 1.04
C GLY C 94 24.76 2.88 -0.22
N GLY C 95 25.50 2.00 -0.89
CA GLY C 95 26.75 1.42 -0.43
C GLY C 95 27.93 2.12 -1.09
N GLN C 96 28.97 1.35 -1.38
CA GLN C 96 30.23 1.99 -1.85
C GLN C 96 30.04 2.85 -3.09
N THR C 97 29.28 2.35 -4.07
CA THR C 97 29.18 3.09 -5.37
C THR C 97 28.62 4.49 -5.09
N LEU C 98 27.70 4.55 -4.13
CA LEU C 98 27.10 5.83 -3.82
C LEU C 98 27.96 6.71 -2.95
N TYR C 99 28.61 6.14 -1.93
CA TYR C 99 29.63 6.90 -1.18
C TYR C 99 30.73 7.46 -2.07
N GLU C 100 31.23 6.65 -2.99
CA GLU C 100 32.26 7.16 -3.91
C GLU C 100 31.79 8.34 -4.74
N ALA C 101 30.55 8.25 -5.21
CA ALA C 101 29.95 9.26 -6.08
C ALA C 101 29.64 10.52 -5.28
N MET C 102 29.35 10.39 -3.98
CA MET C 102 28.76 11.50 -3.21
C MET C 102 29.67 12.19 -2.18
N ILE C 103 30.80 11.58 -1.84
CA ILE C 103 31.62 12.10 -0.73
C ILE C 103 32.08 13.53 -1.01
N ASP C 104 32.27 13.87 -2.27
CA ASP C 104 32.73 15.22 -2.57
C ASP C 104 31.57 16.21 -2.65
N GLN C 105 30.34 15.74 -2.40
CA GLN C 105 29.14 16.54 -2.59
C GLN C 105 28.43 16.84 -1.28
N VAL C 106 28.49 15.94 -0.31
CA VAL C 106 27.69 16.10 0.89
C VAL C 106 28.18 17.25 1.78
N ASP C 107 27.31 17.73 2.67
CA ASP C 107 27.65 18.81 3.59
C ASP C 107 28.37 18.30 4.83
N ASP C 108 28.04 17.08 5.24
CA ASP C 108 28.58 16.55 6.46
C ASP C 108 28.52 15.04 6.45
N MET C 109 29.18 14.38 7.41
CA MET C 109 29.19 12.90 7.51
C MET C 109 29.05 12.50 8.95
N TYR C 110 28.23 11.50 9.18
CA TYR C 110 28.07 10.89 10.49
C TYR C 110 28.72 9.51 10.35
N ILE C 111 29.93 9.37 10.89
CA ILE C 111 30.68 8.11 10.74
C ILE C 111 30.72 7.36 12.05
N THR C 112 30.39 6.07 12.02
CA THR C 112 30.70 5.21 13.17
C THR C 112 32.02 4.47 12.89
N VAL C 113 33.10 4.82 13.61
CA VAL C 113 34.40 4.17 13.39
C VAL C 113 34.52 2.98 14.34
N ILE C 114 34.61 1.80 13.75
CA ILE C 114 34.58 0.58 14.53
C ILE C 114 36.04 0.14 14.75
N ASP C 115 36.40 -0.03 16.05
CA ASP C 115 37.77 -0.36 16.44
C ASP C 115 37.98 -1.87 16.25
N GLY C 116 38.22 -2.28 15.01
CA GLY C 116 38.21 -3.70 14.66
C GLY C 116 38.77 -3.81 13.26
N LYS C 117 39.03 -5.04 12.82
CA LYS C 117 39.57 -5.26 11.49
C LYS C 117 38.78 -6.44 10.99
N PHE C 118 37.92 -6.22 10.00
CA PHE C 118 37.06 -7.27 9.50
C PHE C 118 37.36 -7.29 8.05
N GLN C 119 37.42 -8.47 7.47
CA GLN C 119 37.74 -8.54 6.05
C GLN C 119 36.50 -8.13 5.23
N GLY C 120 36.74 -7.53 4.07
CA GLY C 120 35.66 -6.92 3.31
C GLY C 120 35.86 -7.01 1.82
N ASP C 121 34.77 -6.78 1.08
CA ASP C 121 34.87 -6.56 -0.36
C ASP C 121 34.42 -5.18 -0.79
N THR C 122 34.13 -4.27 0.15
CA THR C 122 33.71 -2.94 -0.22
C THR C 122 34.29 -1.98 0.84
N PHE C 123 34.53 -0.73 0.46
CA PHE C 123 35.25 0.20 1.33
C PHE C 123 34.55 1.54 1.36
N PHE C 124 34.80 2.36 2.37
CA PHE C 124 34.39 3.76 2.37
C PHE C 124 35.61 4.51 1.84
N PRO C 125 35.40 5.51 0.96
CA PRO C 125 36.57 6.20 0.41
C PRO C 125 37.34 6.99 1.51
N PRO C 126 38.61 7.28 1.27
CA PRO C 126 39.48 8.01 2.22
C PRO C 126 38.90 9.40 2.47
N TYR C 127 39.03 9.92 3.69
CA TYR C 127 38.66 11.30 3.97
C TYR C 127 39.69 11.91 4.92
N THR C 128 39.95 13.21 4.82
CA THR C 128 41.19 13.79 5.37
C THR C 128 40.90 14.98 6.24
N PHE C 129 41.86 15.37 7.07
CA PHE C 129 41.66 16.44 8.04
C PHE C 129 41.45 17.80 7.38
N GLU C 130 42.07 17.96 6.21
CA GLU C 130 42.06 19.26 5.58
C GLU C 130 40.74 19.55 4.88
N ASP C 131 39.95 18.48 4.64
CA ASP C 131 38.60 18.60 4.03
C ASP C 131 37.50 18.71 5.06
N TRP C 132 37.72 18.14 6.24
CA TRP C 132 36.63 17.91 7.20
C TRP C 132 37.02 18.33 8.60
N GLU C 133 36.11 19.02 9.25
CA GLU C 133 36.32 19.56 10.54
C GLU C 133 35.44 18.72 11.46
N VAL C 134 35.92 18.45 12.66
CA VAL C 134 35.20 17.58 13.56
C VAL C 134 34.23 18.42 14.36
N GLU C 135 32.94 18.13 14.19
CA GLU C 135 31.93 18.79 15.00
C GLU C 135 31.81 18.10 16.35
N SER C 136 31.85 16.77 16.34
CA SER C 136 31.87 16.06 17.58
C SER C 136 32.51 14.70 17.35
N SER C 137 33.05 14.14 18.43
CA SER C 137 33.53 12.75 18.49
C SER C 137 33.27 12.26 19.90
N VAL C 138 32.55 11.15 20.05
CA VAL C 138 32.28 10.58 21.34
C VAL C 138 32.31 9.07 21.15
N GLU C 139 32.56 8.36 22.25
CA GLU C 139 32.71 6.90 22.22
C GLU C 139 31.43 6.22 22.55
N GLY C 140 31.14 5.15 21.82
CA GLY C 140 29.93 4.42 22.14
C GLY C 140 30.12 3.58 23.40
N GLN C 141 29.03 3.32 24.11
CA GLN C 141 29.03 2.55 25.33
C GLN C 141 29.07 1.07 24.98
N LEU C 142 29.80 0.28 25.75
CA LEU C 142 29.87 -1.14 25.42
C LEU C 142 29.09 -1.91 26.47
N ASP C 143 28.62 -3.07 26.07
CA ASP C 143 27.83 -3.91 26.96
C ASP C 143 27.78 -5.30 26.37
N GLU C 144 26.82 -6.11 26.84
CA GLU C 144 26.75 -7.51 26.50
C GLU C 144 26.49 -7.68 25.02
N LYS C 145 25.70 -6.77 24.45
CA LYS C 145 25.34 -6.84 23.03
C LYS C 145 26.27 -6.01 22.17
N ASN C 146 26.95 -5.06 22.79
CA ASN C 146 27.89 -4.21 22.08
C ASN C 146 29.32 -4.37 22.54
N THR C 147 30.07 -5.22 21.84
CA THR C 147 31.33 -5.67 22.39
C THR C 147 32.53 -5.06 21.68
N ILE C 148 32.30 -4.39 20.54
CA ILE C 148 33.37 -3.77 19.79
C ILE C 148 33.40 -2.29 20.09
N PRO C 149 34.58 -1.77 20.46
CA PRO C 149 34.69 -0.34 20.76
C PRO C 149 34.40 0.48 19.47
N HIS C 150 33.76 1.64 19.63
CA HIS C 150 33.34 2.39 18.43
C HIS C 150 33.17 3.84 18.81
N THR C 151 33.49 4.71 17.85
CA THR C 151 33.45 6.15 18.02
C THR C 151 32.42 6.70 17.03
N PHE C 152 31.61 7.65 17.50
CA PHE C 152 30.67 8.38 16.65
C PHE C 152 31.27 9.71 16.35
N LEU C 153 31.57 9.87 15.08
CA LEU C 153 32.21 11.05 14.55
C LEU C 153 31.29 11.84 13.63
N HIS C 154 31.18 13.13 13.90
CA HIS C 154 30.41 13.98 13.03
C HIS C 154 31.34 15.00 12.42
N LEU C 155 31.50 14.91 11.11
CA LEU C 155 32.41 15.78 10.35
C LEU C 155 31.62 16.70 9.46
N VAL C 156 32.07 17.94 9.35
CA VAL C 156 31.43 18.92 8.52
C VAL C 156 32.49 19.43 7.54
N ARG C 157 32.10 19.63 6.28
CA ARG C 157 33.03 20.02 5.24
C ARG C 157 33.57 21.39 5.61
N ARG C 158 34.86 21.61 5.40
CA ARG C 158 35.48 22.88 5.79
C ARG C 158 35.09 24.01 4.83
N THR D 2 23.74 27.27 39.26
CA THR D 2 22.31 26.93 39.06
C THR D 2 22.19 25.42 38.95
N LEU D 3 21.20 24.85 39.64
CA LEU D 3 20.86 23.46 39.49
C LEU D 3 19.43 23.38 38.86
N SER D 4 19.30 22.74 37.70
CA SER D 4 18.04 22.78 36.92
C SER D 4 17.66 21.33 36.63
N ILE D 5 16.37 21.00 36.69
CA ILE D 5 15.85 19.86 35.92
C ILE D 5 15.64 20.18 34.44
N ILE D 6 15.91 19.21 33.55
CA ILE D 6 15.44 19.31 32.19
C ILE D 6 14.77 17.99 31.85
N VAL D 7 13.52 18.07 31.39
CA VAL D 7 12.66 16.87 31.15
C VAL D 7 11.69 17.09 29.95
N ALA D 8 11.42 16.02 29.17
CA ALA D 8 10.25 15.99 28.27
C ALA D 8 9.26 14.98 28.81
N HIS D 9 8.02 15.41 29.03
CA HIS D 9 6.99 14.44 29.51
C HIS D 9 5.68 14.61 28.74
N ASP D 10 4.87 13.55 28.66
CA ASP D 10 3.55 13.72 28.01
C ASP D 10 2.47 14.22 28.97
N LYS D 11 1.20 14.19 28.53
CA LYS D 11 0.14 14.73 29.35
C LYS D 11 -0.12 13.96 30.66
N GLN D 12 0.28 12.70 30.69
N GLN D 12 0.23 12.69 30.69
CA GLN D 12 0.19 11.86 31.90
CA GLN D 12 0.16 11.92 31.95
C GLN D 12 1.35 12.19 32.87
C GLN D 12 1.61 11.65 32.43
N ARG D 13 2.45 12.67 32.27
CA ARG D 13 3.79 12.68 32.89
C ARG D 13 4.69 11.48 32.59
N VAL D 14 4.38 10.69 31.55
CA VAL D 14 5.27 9.68 30.97
C VAL D 14 6.55 10.32 30.50
N ILE D 15 7.68 9.72 30.89
CA ILE D 15 9.00 10.18 30.46
C ILE D 15 9.71 9.04 29.78
N GLY D 16 9.11 7.86 29.77
CA GLY D 16 9.63 6.86 28.84
C GLY D 16 8.86 5.55 28.85
N TYR D 17 9.16 4.71 27.89
CA TYR D 17 8.63 3.34 27.91
C TYR D 17 9.78 2.41 27.60
N GLN D 18 10.07 1.52 28.55
CA GLN D 18 11.28 0.74 28.51
C GLN D 18 12.44 1.65 28.13
N ASN D 19 12.58 2.72 28.93
CA ASN D 19 13.67 3.68 28.79
C ASN D 19 13.82 4.25 27.39
N GLN D 20 12.72 4.28 26.63
CA GLN D 20 12.68 4.95 25.31
C GLN D 20 11.60 6.04 25.36
N LEU D 21 11.73 7.06 24.52
CA LEU D 21 10.67 8.09 24.38
C LEU D 21 9.66 7.70 23.29
N PRO D 22 8.37 7.62 23.64
CA PRO D 22 7.34 7.32 22.59
C PRO D 22 7.28 8.30 21.38
N TRP D 23 7.51 9.60 21.62
CA TRP D 23 7.50 10.58 20.58
C TRP D 23 8.89 10.83 20.07
N HIS D 24 8.96 11.35 18.85
CA HIS D 24 10.21 11.79 18.28
C HIS D 24 10.13 13.27 17.92
N LEU D 25 10.83 14.12 18.65
CA LEU D 25 10.61 15.54 18.55
C LEU D 25 11.92 16.30 18.38
N PRO D 26 12.34 16.50 17.13
CA PRO D 26 13.56 17.26 16.90
C PRO D 26 13.71 18.58 17.63
N ASN D 27 12.63 19.34 17.76
CA ASN D 27 12.72 20.66 18.41
C ASN D 27 13.16 20.46 19.83
N ASP D 28 12.76 19.33 20.44
CA ASP D 28 13.14 19.06 21.83
C ASP D 28 14.64 18.71 21.93
N LEU D 29 15.13 17.86 21.04
CA LEU D 29 16.57 17.61 20.91
C LEU D 29 17.38 18.90 20.70
N LYS D 30 16.93 19.80 19.82
CA LYS D 30 17.62 21.11 19.64
C LYS D 30 17.56 21.96 20.92
N HIS D 31 16.44 21.90 21.62
CA HIS D 31 16.26 22.62 22.89
C HIS D 31 17.27 22.15 23.96
N ILE D 32 17.45 20.83 24.08
CA ILE D 32 18.43 20.27 24.97
C ILE D 32 19.81 20.79 24.55
N LYS D 33 20.11 20.73 23.27
CA LYS D 33 21.45 21.15 22.77
C LYS D 33 21.72 22.59 23.13
N GLN D 34 20.74 23.45 22.93
CA GLN D 34 20.93 24.88 23.19
C GLN D 34 21.14 25.19 24.65
N LEU D 35 20.39 24.53 25.52
CA LEU D 35 20.48 24.76 26.95
C LEU D 35 21.72 24.15 27.61
N THR D 36 22.09 22.93 27.18
CA THR D 36 23.09 22.15 27.92
C THR D 36 24.51 22.13 27.30
N THR D 37 24.66 22.53 26.06
CA THR D 37 25.99 22.58 25.44
C THR D 37 26.87 23.45 26.29
N GLY D 38 28.05 22.93 26.64
CA GLY D 38 29.00 23.70 27.45
C GLY D 38 28.67 23.71 28.92
N ASN D 39 27.57 23.06 29.32
CA ASN D 39 27.26 22.98 30.74
C ASN D 39 27.46 21.54 31.21
N THR D 40 26.74 21.09 32.22
CA THR D 40 27.00 19.78 32.81
C THR D 40 25.66 19.05 32.86
N LEU D 41 25.61 17.80 32.37
CA LEU D 41 24.44 16.92 32.57
C LEU D 41 24.73 15.87 33.61
N VAL D 42 23.77 15.63 34.49
CA VAL D 42 23.82 14.51 35.39
C VAL D 42 22.66 13.57 35.08
N MET D 43 22.96 12.31 34.78
CA MET D 43 21.91 11.36 34.41
C MET D 43 22.16 9.99 35.04
N ALA D 44 21.09 9.29 35.37
CA ALA D 44 21.15 7.94 35.80
C ALA D 44 21.74 7.03 34.73
N ARG D 45 22.28 5.89 35.18
CA ARG D 45 22.99 4.98 34.30
C ARG D 45 22.09 4.58 33.15
N LYS D 46 20.85 4.20 33.48
CA LYS D 46 19.85 3.72 32.50
C LYS D 46 19.50 4.74 31.44
N THR D 47 19.44 6.00 31.83
CA THR D 47 19.38 7.07 30.84
C THR D 47 20.56 7.11 29.91
N PHE D 48 21.75 7.14 30.49
CA PHE D 48 22.96 7.06 29.68
C PHE D 48 22.93 5.87 28.73
N GLU D 49 22.53 4.72 29.25
CA GLU D 49 22.61 3.54 28.41
C GLU D 49 21.55 3.60 27.30
N SER D 50 20.43 4.26 27.58
N SER D 50 20.40 4.22 27.56
CA SER D 50 19.34 4.39 26.61
CA SER D 50 19.36 4.34 26.52
C SER D 50 19.80 5.21 25.41
C SER D 50 19.91 5.15 25.35
N ILE D 51 20.57 6.26 25.67
CA ILE D 51 21.14 7.05 24.62
C ILE D 51 22.29 6.35 23.88
N GLY D 52 23.21 5.72 24.63
CA GLY D 52 24.27 4.85 24.07
C GLY D 52 25.61 5.51 23.84
N LYS D 53 25.71 6.78 24.26
CA LYS D 53 26.93 7.53 24.21
C LYS D 53 26.75 8.87 24.92
N PRO D 54 27.87 9.56 25.26
CA PRO D 54 27.71 10.88 25.87
C PRO D 54 27.21 11.87 24.83
N LEU D 55 26.59 12.94 25.32
CA LEU D 55 26.27 14.05 24.45
C LEU D 55 27.52 14.94 24.38
N PRO D 56 27.90 15.35 23.16
CA PRO D 56 29.13 16.06 22.89
C PRO D 56 29.13 17.48 23.41
N ASN D 57 30.33 18.02 23.61
CA ASN D 57 30.53 19.42 23.88
C ASN D 57 29.89 19.86 25.18
N ARG D 58 29.81 18.92 26.12
CA ARG D 58 29.43 19.27 27.48
C ARG D 58 29.89 18.19 28.45
N ARG D 59 29.83 18.49 29.73
CA ARG D 59 30.28 17.54 30.67
C ARG D 59 29.18 16.55 30.97
N ASN D 60 29.43 15.26 30.72
CA ASN D 60 28.46 14.23 31.09
C ASN D 60 28.85 13.56 32.40
N VAL D 61 27.92 13.48 33.32
CA VAL D 61 28.15 12.87 34.60
C VAL D 61 27.09 11.80 34.78
N VAL D 62 27.51 10.56 35.08
CA VAL D 62 26.56 9.47 35.26
C VAL D 62 26.52 9.03 36.70
N LEU D 63 25.31 8.87 37.25
CA LEU D 63 25.15 8.53 38.65
C LEU D 63 24.80 7.08 38.67
N THR D 64 25.63 6.26 39.33
CA THR D 64 25.40 4.82 39.37
C THR D 64 26.01 4.26 40.65
N ASN D 65 25.41 3.20 41.16
CA ASN D 65 25.96 2.40 42.26
C ASN D 65 26.70 1.16 41.77
N GLN D 66 26.89 1.06 40.47
CA GLN D 66 27.55 -0.07 39.85
C GLN D 66 29.04 0.18 39.70
N ALA D 67 29.82 -0.58 40.47
CA ALA D 67 31.25 -0.33 40.64
C ALA D 67 32.02 -0.69 39.38
N SER D 68 31.42 -1.53 38.54
CA SER D 68 32.05 -1.91 37.26
C SER D 68 31.74 -0.94 36.10
N PHE D 69 30.83 0.00 36.32
CA PHE D 69 30.50 0.94 35.25
C PHE D 69 31.68 1.82 34.92
N HIS D 70 32.04 1.88 33.64
N HIS D 70 32.03 1.91 33.64
CA HIS D 70 33.09 2.80 33.21
CA HIS D 70 33.11 2.80 33.23
C HIS D 70 32.73 3.35 31.84
C HIS D 70 32.96 3.29 31.79
N HIS D 71 33.14 4.58 31.60
CA HIS D 71 33.16 5.12 30.26
C HIS D 71 34.10 6.26 30.26
N GLU D 72 34.96 6.31 29.26
CA GLU D 72 36.04 7.29 29.28
C GLU D 72 35.58 8.74 29.10
N GLY D 73 34.46 8.95 28.41
CA GLY D 73 34.00 10.34 28.14
C GLY D 73 32.98 10.85 29.13
N VAL D 74 32.82 10.17 30.27
CA VAL D 74 31.90 10.66 31.34
C VAL D 74 32.56 10.60 32.74
N ASP D 75 32.11 11.45 33.66
CA ASP D 75 32.52 11.35 35.07
C ASP D 75 31.46 10.59 35.82
N VAL D 76 31.87 9.70 36.72
CA VAL D 76 30.92 8.85 37.43
C VAL D 76 30.79 9.39 38.84
N ILE D 77 29.57 9.41 39.38
CA ILE D 77 29.35 9.69 40.80
C ILE D 77 28.50 8.58 41.35
N ASN D 78 28.49 8.45 42.68
CA ASN D 78 27.85 7.30 43.31
C ASN D 78 26.79 7.71 44.28
N SER D 79 26.70 9.01 44.54
CA SER D 79 25.61 9.44 45.39
C SER D 79 25.11 10.85 45.09
N LEU D 80 23.90 11.14 45.55
CA LEU D 80 23.29 12.41 45.24
C LEU D 80 24.12 13.56 45.74
N ASP D 81 24.81 13.34 46.86
CA ASP D 81 25.56 14.38 47.55
C ASP D 81 26.66 14.96 46.68
N GLU D 82 27.14 14.17 45.74
CA GLU D 82 28.18 14.61 44.82
C GLU D 82 27.72 15.65 43.81
N ILE D 83 26.40 15.73 43.63
CA ILE D 83 25.80 16.64 42.67
C ILE D 83 26.07 18.08 43.07
N LYS D 84 25.88 18.36 44.35
CA LYS D 84 26.12 19.70 44.91
C LYS D 84 27.56 20.12 44.70
N GLU D 85 28.45 19.14 44.54
CA GLU D 85 29.88 19.37 44.40
C GLU D 85 30.23 19.93 43.04
N LEU D 86 29.37 19.68 42.04
CA LEU D 86 29.68 19.97 40.64
C LEU D 86 29.58 21.45 40.39
N SER D 87 30.47 22.00 39.58
CA SER D 87 30.45 23.42 39.35
C SER D 87 29.71 23.79 38.08
N GLY D 88 29.36 25.07 37.95
CA GLY D 88 28.69 25.60 36.75
C GLY D 88 27.16 25.37 36.76
N HIS D 89 26.54 25.49 35.59
CA HIS D 89 25.14 25.18 35.43
C HIS D 89 24.98 23.65 35.24
N VAL D 90 24.33 22.99 36.19
CA VAL D 90 24.19 21.54 36.17
C VAL D 90 22.72 21.22 35.83
N PHE D 91 22.50 20.28 34.90
CA PHE D 91 21.15 19.84 34.49
C PHE D 91 20.91 18.39 34.92
N ILE D 92 19.81 18.16 35.65
CA ILE D 92 19.38 16.83 36.00
C ILE D 92 18.60 16.35 34.75
N PHE D 93 19.10 15.30 34.10
CA PHE D 93 18.69 14.85 32.76
C PHE D 93 17.85 13.55 32.80
N GLY D 94 17.54 13.04 34.00
CA GLY D 94 16.78 11.79 34.12
C GLY D 94 17.55 10.64 34.76
N GLY D 95 16.88 9.54 35.09
CA GLY D 95 15.45 9.39 34.88
C GLY D 95 14.67 9.59 36.14
N GLN D 96 13.67 8.71 36.33
CA GLN D 96 12.63 8.97 37.30
C GLN D 96 13.15 9.10 38.73
N THR D 97 14.03 8.19 39.12
CA THR D 97 14.50 8.16 40.51
C THR D 97 15.28 9.40 40.80
N LEU D 98 16.08 9.83 39.83
CA LEU D 98 16.85 11.04 40.00
C LEU D 98 15.96 12.28 40.07
N TYR D 99 14.94 12.33 39.22
CA TYR D 99 14.00 13.47 39.24
C TYR D 99 13.28 13.48 40.59
N GLU D 100 12.89 12.31 41.08
CA GLU D 100 12.14 12.30 42.33
C GLU D 100 13.03 12.72 43.47
N ALA D 101 14.30 12.33 43.38
CA ALA D 101 15.30 12.75 44.39
C ALA D 101 15.60 14.25 44.34
N MET D 102 15.61 14.80 43.12
CA MET D 102 16.08 16.19 42.94
C MET D 102 15.02 17.29 42.85
N ILE D 103 13.77 16.93 42.60
CA ILE D 103 12.77 17.97 42.30
C ILE D 103 12.60 18.98 43.45
N ASP D 104 12.80 18.54 44.70
CA ASP D 104 12.72 19.48 45.84
C ASP D 104 13.96 20.32 46.07
N GLN D 105 15.02 20.06 45.29
CA GLN D 105 16.36 20.62 45.48
C GLN D 105 16.71 21.63 44.39
N VAL D 106 16.18 21.42 43.18
CA VAL D 106 16.60 22.24 42.05
C VAL D 106 16.09 23.67 42.14
N ASP D 107 16.80 24.57 41.45
CA ASP D 107 16.40 25.96 41.36
C ASP D 107 15.19 26.16 40.43
N ASP D 108 15.20 25.44 39.30
CA ASP D 108 14.28 25.66 38.22
C ASP D 108 14.15 24.39 37.38
N MET D 109 13.22 24.41 36.43
CA MET D 109 12.93 23.22 35.58
C MET D 109 12.65 23.71 34.19
N TYR D 110 13.27 23.05 33.21
CA TYR D 110 12.98 23.25 31.83
C TYR D 110 12.20 22.05 31.34
N ILE D 111 10.89 22.24 31.19
CA ILE D 111 9.97 21.14 30.86
C ILE D 111 9.48 21.31 29.43
N THR D 112 9.59 20.25 28.64
CA THR D 112 8.90 20.16 27.38
C THR D 112 7.66 19.27 27.60
N VAL D 113 6.48 19.86 27.48
CA VAL D 113 5.22 19.05 27.58
C VAL D 113 4.69 18.65 26.23
N ILE D 114 4.60 17.34 26.01
CA ILE D 114 4.17 16.79 24.73
C ILE D 114 2.66 16.53 24.90
N ASP D 115 1.87 17.04 23.96
CA ASP D 115 0.39 16.92 24.03
C ASP D 115 0.00 15.55 23.47
N GLY D 116 0.20 14.51 24.28
CA GLY D 116 0.05 13.10 23.88
C GLY D 116 -0.30 12.32 25.15
N LYS D 117 -0.95 11.18 25.00
CA LYS D 117 -1.17 10.30 26.16
C LYS D 117 -0.69 8.91 25.80
N PHE D 118 0.62 8.68 25.95
CA PHE D 118 1.19 7.42 25.50
C PHE D 118 1.17 6.41 26.67
N GLN D 119 1.44 5.16 26.37
CA GLN D 119 1.64 4.13 27.40
C GLN D 119 3.14 4.24 27.79
N GLY D 120 3.41 4.55 29.05
CA GLY D 120 4.82 4.58 29.49
C GLY D 120 5.16 3.58 30.60
N ASP D 121 6.46 3.21 30.70
CA ASP D 121 7.03 2.56 31.93
C ASP D 121 7.78 3.45 32.92
N THR D 122 7.94 4.75 32.64
CA THR D 122 8.39 5.72 33.67
C THR D 122 7.74 7.11 33.68
N PHE D 123 7.68 7.77 34.84
CA PHE D 123 6.90 8.99 35.03
C PHE D 123 7.62 10.12 35.80
N PHE D 124 7.40 11.37 35.40
CA PHE D 124 7.84 12.54 36.18
C PHE D 124 7.00 12.79 37.42
N PRO D 125 7.61 13.26 38.52
CA PRO D 125 6.78 13.53 39.70
C PRO D 125 5.78 14.70 39.49
N PRO D 126 4.72 14.73 40.30
CA PRO D 126 3.73 15.80 40.37
C PRO D 126 4.37 17.14 40.62
N TYR D 127 3.91 18.19 39.96
CA TYR D 127 4.31 19.53 40.37
C TYR D 127 3.16 20.47 40.15
N THR D 128 3.05 21.51 40.98
CA THR D 128 1.82 22.29 41.01
C THR D 128 2.13 23.74 41.00
N PHE D 129 1.08 24.51 40.76
CA PHE D 129 1.11 25.97 40.57
C PHE D 129 1.54 26.69 41.85
N GLU D 130 1.59 25.91 42.94
CA GLU D 130 1.90 26.39 44.27
C GLU D 130 3.40 26.31 44.61
N ASP D 131 4.07 25.28 44.14
CA ASP D 131 5.51 25.28 44.21
C ASP D 131 6.22 26.09 43.12
N TRP D 132 5.58 26.23 41.95
CA TRP D 132 6.28 26.69 40.75
C TRP D 132 5.57 27.82 40.06
N GLU D 133 6.34 28.82 39.64
CA GLU D 133 5.84 29.77 38.67
C GLU D 133 6.56 29.77 37.33
N VAL D 134 5.88 30.28 36.30
CA VAL D 134 6.34 30.15 34.93
C VAL D 134 7.09 31.40 34.59
N GLU D 135 8.35 31.22 34.25
CA GLU D 135 9.18 32.33 33.84
C GLU D 135 9.08 32.51 32.33
N SER D 136 8.95 31.42 31.58
CA SER D 136 8.51 31.51 30.20
C SER D 136 7.74 30.30 29.76
N SER D 137 6.89 30.49 28.76
CA SER D 137 6.12 29.39 28.14
C SER D 137 6.10 29.69 26.66
N VAL D 138 6.53 28.74 25.84
CA VAL D 138 6.64 28.98 24.42
C VAL D 138 6.15 27.75 23.72
N GLU D 139 5.12 27.92 22.91
CA GLU D 139 4.56 26.83 22.13
C GLU D 139 5.56 26.42 21.04
N GLY D 140 5.85 25.13 20.90
CA GLY D 140 6.77 24.72 19.88
C GLY D 140 6.15 24.85 18.50
N GLN D 141 7.00 25.19 17.54
CA GLN D 141 6.67 25.30 16.13
C GLN D 141 6.36 23.93 15.52
N LEU D 142 5.19 23.77 14.91
CA LEU D 142 4.91 22.52 14.17
C LEU D 142 5.36 22.69 12.72
N ASP D 143 5.97 21.65 12.18
CA ASP D 143 6.37 21.67 10.79
C ASP D 143 6.47 20.23 10.34
N GLU D 144 7.20 19.96 9.27
CA GLU D 144 7.18 18.61 8.66
C GLU D 144 7.90 17.61 9.55
N LYS D 145 8.74 18.11 10.46
CA LYS D 145 9.64 17.25 11.25
C LYS D 145 9.16 17.25 12.69
N ASN D 146 8.30 18.20 13.04
CA ASN D 146 7.77 18.28 14.38
C ASN D 146 6.26 18.35 14.34
N THR D 147 5.60 17.25 14.71
CA THR D 147 4.29 16.99 14.18
C THR D 147 3.33 16.65 15.33
N ILE D 148 3.77 16.83 16.57
CA ILE D 148 2.88 16.69 17.75
C ILE D 148 3.01 17.98 18.55
N PRO D 149 1.88 18.55 19.01
CA PRO D 149 1.97 19.80 19.75
C PRO D 149 2.79 19.61 21.00
N HIS D 150 3.51 20.66 21.38
CA HIS D 150 4.43 20.61 22.47
C HIS D 150 4.64 22.04 22.97
N THR D 151 4.96 22.19 24.25
CA THR D 151 5.21 23.51 24.85
C THR D 151 6.49 23.47 25.67
N PHE D 152 7.33 24.50 25.53
CA PHE D 152 8.51 24.64 26.35
C PHE D 152 8.23 25.55 27.51
N LEU D 153 8.31 24.98 28.71
CA LEU D 153 8.10 25.73 29.95
C LEU D 153 9.40 25.92 30.71
N HIS D 154 9.60 27.11 31.27
CA HIS D 154 10.68 27.30 32.19
C HIS D 154 10.04 27.69 33.51
N LEU D 155 10.14 26.80 34.50
CA LEU D 155 9.53 27.04 35.82
C LEU D 155 10.59 27.36 36.86
N VAL D 156 10.29 28.32 37.73
CA VAL D 156 11.15 28.64 38.85
C VAL D 156 10.33 28.53 40.14
N ARG D 157 10.98 28.29 41.27
CA ARG D 157 10.27 28.11 42.53
C ARG D 157 9.42 29.33 42.94
N ARG D 158 8.27 29.09 43.55
CA ARG D 158 7.31 30.18 43.77
C ARG D 158 7.53 30.85 45.12
N THR E 2 11.05 3.05 -45.16
CA THR E 2 10.30 4.32 -45.30
C THR E 2 10.09 4.89 -43.90
N LEU E 3 10.19 6.20 -43.79
CA LEU E 3 9.84 6.89 -42.55
C LEU E 3 8.63 7.81 -42.88
N SER E 4 7.49 7.58 -42.23
CA SER E 4 6.23 8.31 -42.59
C SER E 4 5.74 9.04 -41.34
N ILE E 5 5.23 10.26 -41.47
CA ILE E 5 4.24 10.75 -40.48
C ILE E 5 2.85 10.13 -40.68
N ILE E 6 2.17 9.78 -39.60
CA ILE E 6 0.75 9.57 -39.66
C ILE E 6 0.07 10.44 -38.56
N VAL E 7 -0.93 11.24 -38.98
CA VAL E 7 -1.57 12.25 -38.11
C VAL E 7 -3.06 12.49 -38.49
N ALA E 8 -3.88 12.80 -37.48
CA ALA E 8 -5.26 13.30 -37.70
C ALA E 8 -5.30 14.72 -37.15
N HIS E 9 -5.64 15.71 -37.97
CA HIS E 9 -5.78 17.08 -37.44
C HIS E 9 -7.03 17.79 -37.98
N ASP E 10 -7.50 18.80 -37.26
CA ASP E 10 -8.68 19.54 -37.76
C ASP E 10 -8.29 20.68 -38.66
N LYS E 11 -9.23 21.57 -38.95
CA LYS E 11 -8.97 22.60 -39.94
C LYS E 11 -7.95 23.65 -39.49
N GLN E 12 -7.76 23.78 -38.19
N GLN E 12 -7.79 23.80 -38.18
CA GLN E 12 -6.77 24.72 -37.67
CA GLN E 12 -6.74 24.67 -37.61
C GLN E 12 -5.39 24.03 -37.55
C GLN E 12 -5.67 23.82 -36.90
N ARG E 13 -5.40 22.69 -37.53
CA ARG E 13 -4.25 21.85 -37.19
C ARG E 13 -4.19 21.36 -35.75
N VAL E 14 -5.29 21.45 -35.02
CA VAL E 14 -5.44 20.81 -33.72
C VAL E 14 -5.21 19.32 -33.87
N ILE E 15 -4.28 18.78 -33.07
CA ILE E 15 -4.12 17.33 -32.94
C ILE E 15 -4.53 16.79 -31.57
N GLY E 16 -4.85 17.66 -30.62
CA GLY E 16 -5.47 17.14 -29.41
C GLY E 16 -5.90 18.17 -28.37
N TYR E 17 -6.69 17.75 -27.40
CA TYR E 17 -6.95 18.62 -26.27
C TYR E 17 -6.75 17.84 -25.01
N GLN E 18 -5.77 18.28 -24.20
CA GLN E 18 -5.28 17.47 -23.10
C GLN E 18 -5.07 16.02 -23.53
N ASN E 19 -4.26 15.87 -24.58
CA ASN E 19 -3.89 14.58 -25.17
C ASN E 19 -5.09 13.67 -25.41
N GLN E 20 -6.20 14.27 -25.81
CA GLN E 20 -7.37 13.52 -26.25
C GLN E 20 -7.77 14.10 -27.61
N LEU E 21 -8.44 13.30 -28.44
CA LEU E 21 -8.91 13.82 -29.74
C LEU E 21 -10.33 14.37 -29.54
N PRO E 22 -10.59 15.62 -29.99
CA PRO E 22 -11.98 16.13 -29.88
C PRO E 22 -13.04 15.35 -30.70
N TRP E 23 -12.66 14.80 -31.84
CA TRP E 23 -13.58 14.00 -32.62
C TRP E 23 -13.40 12.54 -32.38
N HIS E 24 -14.45 11.76 -32.64
CA HIS E 24 -14.38 10.33 -32.66
C HIS E 24 -14.69 9.78 -34.05
N LEU E 25 -13.72 9.13 -34.69
CA LEU E 25 -13.85 8.77 -36.08
C LEU E 25 -13.33 7.37 -36.34
N PRO E 26 -14.21 6.37 -36.25
CA PRO E 26 -13.81 4.99 -36.52
C PRO E 26 -13.05 4.82 -37.83
N ASN E 27 -13.44 5.54 -38.86
CA ASN E 27 -12.72 5.42 -40.15
C ASN E 27 -11.27 5.73 -39.99
N ASP E 28 -10.92 6.71 -39.15
CA ASP E 28 -9.51 7.07 -38.96
C ASP E 28 -8.75 5.96 -38.19
N LEU E 29 -9.41 5.38 -37.19
CA LEU E 29 -8.80 4.30 -36.43
C LEU E 29 -8.58 3.07 -37.31
N LYS E 30 -9.53 2.74 -38.18
CA LYS E 30 -9.33 1.66 -39.17
C LYS E 30 -8.19 2.01 -40.13
N HIS E 31 -8.07 3.28 -40.48
CA HIS E 31 -6.99 3.73 -41.37
C HIS E 31 -5.62 3.47 -40.73
N ILE E 32 -5.45 3.87 -39.46
CA ILE E 32 -4.26 3.60 -38.72
C ILE E 32 -3.96 2.09 -38.71
N LYS E 33 -4.97 1.28 -38.43
CA LYS E 33 -4.81 -0.19 -38.32
C LYS E 33 -4.29 -0.74 -39.63
N GLN E 34 -4.89 -0.29 -40.73
CA GLN E 34 -4.54 -0.83 -42.05
C GLN E 34 -3.13 -0.47 -42.47
N LEU E 35 -2.68 0.73 -42.11
CA LEU E 35 -1.39 1.22 -42.57
C LEU E 35 -0.24 0.72 -41.68
N THR E 36 -0.48 0.68 -40.36
CA THR E 36 0.61 0.44 -39.43
C THR E 36 0.67 -1.02 -38.88
N THR E 37 -0.39 -1.80 -39.00
CA THR E 37 -0.33 -3.21 -38.60
C THR E 37 0.86 -3.89 -39.24
N GLY E 38 1.67 -4.58 -38.44
CA GLY E 38 2.87 -5.26 -38.98
C GLY E 38 4.06 -4.32 -39.21
N ASN E 39 3.88 -3.04 -38.94
CA ASN E 39 4.99 -2.12 -39.08
C ASN E 39 5.43 -1.60 -37.72
N THR E 40 6.01 -0.42 -37.68
CA THR E 40 6.56 0.12 -36.44
C THR E 40 5.94 1.50 -36.18
N LEU E 41 5.42 1.71 -34.97
CA LEU E 41 5.04 3.05 -34.51
C LEU E 41 6.06 3.65 -33.59
N VAL E 42 6.38 4.92 -33.79
CA VAL E 42 7.16 5.65 -32.82
C VAL E 42 6.32 6.79 -32.27
N MET E 43 6.15 6.83 -30.95
CA MET E 43 5.32 7.86 -30.39
C MET E 43 5.94 8.44 -29.10
N ALA E 44 5.64 9.70 -28.82
CA ALA E 44 6.04 10.33 -27.61
C ALA E 44 5.30 9.70 -26.43
N ARG E 45 5.89 9.81 -25.23
CA ARG E 45 5.38 9.13 -24.03
C ARG E 45 3.93 9.52 -23.75
N LYS E 46 3.62 10.80 -23.92
CA LYS E 46 2.28 11.35 -23.58
C LYS E 46 1.25 10.80 -24.53
N THR E 47 1.64 10.65 -25.79
CA THR E 47 0.79 9.94 -26.71
C THR E 47 0.50 8.54 -26.26
N PHE E 48 1.55 7.76 -25.99
CA PHE E 48 1.36 6.42 -25.41
C PHE E 48 0.40 6.40 -24.22
N GLU E 49 0.60 7.35 -23.32
CA GLU E 49 -0.14 7.30 -22.07
C GLU E 49 -1.59 7.68 -22.29
N SER E 50 -1.83 8.52 -23.30
CA SER E 50 -3.20 8.87 -23.76
C SER E 50 -4.00 7.66 -24.17
N ILE E 51 -3.39 6.80 -24.98
CA ILE E 51 -4.06 5.62 -25.42
C ILE E 51 -4.19 4.62 -24.26
N GLY E 52 -3.10 4.46 -23.49
CA GLY E 52 -3.14 3.63 -22.26
C GLY E 52 -2.68 2.21 -22.46
N LYS E 53 -2.17 1.90 -23.65
CA LYS E 53 -1.70 0.55 -23.98
C LYS E 53 -1.06 0.52 -25.36
N PRO E 54 -0.25 -0.52 -25.65
CA PRO E 54 0.29 -0.57 -27.00
C PRO E 54 -0.81 -0.91 -27.99
N LEU E 55 -0.63 -0.48 -29.24
CA LEU E 55 -1.48 -0.99 -30.30
C LEU E 55 -0.95 -2.36 -30.73
N PRO E 56 -1.84 -3.35 -30.86
CA PRO E 56 -1.49 -4.74 -31.13
C PRO E 56 -0.87 -4.98 -32.50
N ASN E 57 -0.12 -6.08 -32.61
CA ASN E 57 0.25 -6.62 -33.91
C ASN E 57 1.11 -5.65 -34.68
N ARG E 58 1.85 -4.82 -33.96
CA ARG E 58 2.94 -4.07 -34.58
C ARG E 58 3.97 -3.68 -33.52
N ARG E 59 5.11 -3.19 -33.95
CA ARG E 59 6.09 -2.76 -33.00
C ARG E 59 5.79 -1.37 -32.48
N ASN E 60 5.64 -1.24 -31.16
CA ASN E 60 5.43 0.07 -30.53
C ASN E 60 6.71 0.58 -29.93
N VAL E 61 7.16 1.77 -30.32
CA VAL E 61 8.35 2.36 -29.75
C VAL E 61 7.94 3.64 -29.07
N VAL E 62 8.36 3.85 -27.82
CA VAL E 62 8.04 5.09 -27.11
C VAL E 62 9.31 5.90 -26.91
N LEU E 63 9.23 7.21 -27.19
CA LEU E 63 10.39 8.06 -27.13
C LEU E 63 10.18 8.87 -25.89
N THR E 64 11.12 8.76 -24.95
CA THR E 64 10.98 9.44 -23.68
C THR E 64 12.37 9.68 -23.05
N ASN E 65 12.50 10.76 -22.30
CA ASN E 65 13.68 11.00 -21.47
C ASN E 65 13.50 10.59 -20.01
N GLN E 66 12.39 9.94 -19.71
CA GLN E 66 12.11 9.45 -18.38
C GLN E 66 12.72 8.07 -18.17
N ALA E 67 13.75 8.01 -17.31
CA ALA E 67 14.53 6.78 -17.11
C ALA E 67 13.70 5.76 -16.35
N SER E 68 12.68 6.24 -15.64
CA SER E 68 11.74 5.36 -14.93
C SER E 68 10.64 4.73 -15.82
N PHE E 69 10.45 5.26 -17.03
CA PHE E 69 9.44 4.69 -17.91
C PHE E 69 9.75 3.24 -18.28
N HIS E 70 8.77 2.34 -18.09
N HIS E 70 8.78 2.36 -18.09
CA HIS E 70 8.93 0.95 -18.55
CA HIS E 70 8.90 1.01 -18.63
C HIS E 70 7.59 0.28 -18.90
C HIS E 70 7.53 0.54 -19.10
N HIS E 71 7.53 -0.41 -20.02
CA HIS E 71 6.36 -1.17 -20.30
C HIS E 71 6.86 -2.33 -21.08
N GLU E 72 6.39 -3.52 -20.74
CA GLU E 72 6.91 -4.73 -21.35
C GLU E 72 6.63 -4.92 -22.84
N GLY E 73 5.56 -4.32 -23.34
CA GLY E 73 5.16 -4.53 -24.73
C GLY E 73 5.60 -3.41 -25.67
N VAL E 74 6.52 -2.53 -25.24
CA VAL E 74 7.03 -1.48 -26.13
C VAL E 74 8.57 -1.40 -26.06
N ASP E 75 9.23 -0.85 -27.08
CA ASP E 75 10.67 -0.57 -27.01
C ASP E 75 10.85 0.89 -26.68
N VAL E 76 11.79 1.23 -25.80
CA VAL E 76 12.02 2.62 -25.43
C VAL E 76 13.24 3.12 -26.19
N ILE E 77 13.15 4.35 -26.73
CA ILE E 77 14.32 5.07 -27.21
C ILE E 77 14.35 6.38 -26.47
N ASN E 78 15.52 7.03 -26.45
CA ASN E 78 15.68 8.23 -25.63
C ASN E 78 16.10 9.42 -26.46
N SER E 79 16.32 9.19 -27.74
CA SER E 79 16.67 10.29 -28.61
C SER E 79 16.21 10.12 -30.05
N LEU E 80 16.00 11.23 -30.73
CA LEU E 80 15.62 11.20 -32.14
C LEU E 80 16.50 10.34 -32.98
N ASP E 81 17.81 10.44 -32.75
CA ASP E 81 18.82 9.73 -33.54
C ASP E 81 18.55 8.24 -33.63
N GLU E 82 17.95 7.68 -32.58
CA GLU E 82 17.62 6.27 -32.55
C GLU E 82 16.55 5.86 -33.56
N ILE E 83 15.77 6.84 -34.03
CA ILE E 83 14.67 6.56 -34.94
C ILE E 83 15.16 6.00 -36.27
N LYS E 84 16.27 6.56 -36.76
CA LYS E 84 16.82 6.18 -38.05
C LYS E 84 17.44 4.78 -38.01
N GLU E 85 17.70 4.29 -36.81
CA GLU E 85 18.22 2.95 -36.61
C GLU E 85 17.15 1.87 -36.74
N LEU E 86 15.88 2.26 -36.59
CA LEU E 86 14.77 1.31 -36.68
C LEU E 86 14.57 0.78 -38.08
N SER E 87 14.36 -0.52 -38.21
CA SER E 87 14.17 -1.10 -39.51
C SER E 87 12.70 -1.17 -39.91
N GLY E 88 12.45 -1.35 -41.21
CA GLY E 88 11.10 -1.51 -41.76
C GLY E 88 10.44 -0.15 -42.04
N HIS E 89 9.14 -0.20 -42.30
CA HIS E 89 8.34 0.99 -42.45
C HIS E 89 8.05 1.57 -41.06
N VAL E 90 8.59 2.75 -40.78
CA VAL E 90 8.41 3.37 -39.46
C VAL E 90 7.42 4.54 -39.56
N PHE E 91 6.44 4.59 -38.64
CA PHE E 91 5.43 5.69 -38.60
C PHE E 91 5.62 6.56 -37.34
N ILE E 92 5.74 7.87 -37.54
CA ILE E 92 5.78 8.86 -36.47
C ILE E 92 4.31 9.13 -36.11
N PHE E 93 3.93 8.73 -34.90
CA PHE E 93 2.53 8.63 -34.49
C PHE E 93 2.12 9.77 -33.53
N GLY E 94 3.02 10.72 -33.24
CA GLY E 94 2.67 11.82 -32.35
C GLY E 94 3.55 11.88 -31.11
N GLY E 95 3.47 12.96 -30.32
CA GLY E 95 2.66 14.11 -30.65
C GLY E 95 3.44 15.27 -31.23
N GLN E 96 3.13 16.48 -30.73
CA GLN E 96 3.52 17.70 -31.39
C GLN E 96 5.04 17.87 -31.52
N THR E 97 5.74 17.66 -30.40
CA THR E 97 7.18 17.88 -30.42
C THR E 97 7.86 16.91 -31.36
N LEU E 98 7.41 15.65 -31.33
CA LEU E 98 7.92 14.66 -32.30
C LEU E 98 7.66 15.02 -33.77
N TYR E 99 6.45 15.52 -34.07
CA TYR E 99 6.11 15.92 -35.43
C TYR E 99 6.98 17.11 -35.83
N GLU E 100 7.16 18.07 -34.93
CA GLU E 100 7.96 19.23 -35.30
C GLU E 100 9.40 18.83 -35.58
N ALA E 101 9.87 17.81 -34.86
CA ALA E 101 11.25 17.30 -34.99
C ALA E 101 11.39 16.51 -36.27
N MET E 102 10.33 15.80 -36.66
CA MET E 102 10.44 14.83 -37.77
C MET E 102 9.93 15.30 -39.13
N ILE E 103 9.16 16.39 -39.15
CA ILE E 103 8.48 16.76 -40.40
C ILE E 103 9.46 17.04 -41.55
N ASP E 104 10.64 17.60 -41.25
CA ASP E 104 11.65 17.85 -42.30
C ASP E 104 12.46 16.64 -42.67
N GLN E 105 12.25 15.53 -41.95
CA GLN E 105 13.04 14.30 -42.10
C GLN E 105 12.28 13.17 -42.80
N VAL E 106 10.97 13.08 -42.58
CA VAL E 106 10.19 12.00 -43.18
C VAL E 106 10.09 12.01 -44.69
N ASP E 107 9.89 10.81 -45.25
CA ASP E 107 9.64 10.60 -46.66
C ASP E 107 8.26 11.10 -47.10
N ASP E 108 7.23 10.79 -46.31
CA ASP E 108 5.86 11.05 -46.69
C ASP E 108 4.97 11.23 -45.45
N MET E 109 3.71 11.61 -45.64
CA MET E 109 2.80 11.84 -44.54
C MET E 109 1.43 11.30 -44.88
N TYR E 110 0.86 10.54 -43.96
CA TYR E 110 -0.51 10.14 -44.05
C TYR E 110 -1.35 11.01 -43.13
N ILE E 111 -2.05 11.98 -43.74
CA ILE E 111 -2.86 12.94 -42.96
C ILE E 111 -4.36 12.67 -43.08
N THR E 112 -5.04 12.56 -41.97
CA THR E 112 -6.49 12.58 -41.98
C THR E 112 -6.89 14.02 -41.58
N VAL E 113 -7.50 14.76 -42.51
CA VAL E 113 -7.98 16.14 -42.14
C VAL E 113 -9.46 16.12 -41.76
N ILE E 114 -9.78 16.58 -40.54
CA ILE E 114 -11.15 16.55 -40.03
C ILE E 114 -11.71 17.95 -40.29
N ASP E 115 -12.91 18.00 -40.89
CA ASP E 115 -13.49 19.28 -41.28
C ASP E 115 -14.20 19.85 -40.05
N GLY E 116 -13.40 20.39 -39.12
CA GLY E 116 -13.93 20.94 -37.86
C GLY E 116 -12.98 22.01 -37.35
N LYS E 117 -13.48 22.86 -36.48
CA LYS E 117 -12.62 23.84 -35.81
C LYS E 117 -12.78 23.71 -34.29
N PHE E 118 -12.09 22.74 -33.70
CA PHE E 118 -12.26 22.48 -32.26
C PHE E 118 -11.30 23.35 -31.43
N GLN E 119 -11.51 23.41 -30.13
CA GLN E 119 -10.53 24.11 -29.29
C GLN E 119 -9.44 23.07 -28.98
N GLY E 120 -8.19 23.35 -29.33
CA GLY E 120 -7.10 22.40 -28.99
C GLY E 120 -6.01 22.95 -28.06
N ASP E 121 -5.33 22.02 -27.32
CA ASP E 121 -4.01 22.32 -26.67
C ASP E 121 -2.74 21.96 -27.46
N THR E 122 -2.81 20.93 -28.31
CA THR E 122 -1.71 20.59 -29.26
C THR E 122 -1.97 20.74 -30.78
N PHE E 123 -0.94 21.09 -31.57
CA PHE E 123 -1.09 21.43 -32.99
C PHE E 123 -0.03 20.77 -33.90
N PHE E 124 -0.43 20.30 -35.09
CA PHE E 124 0.53 19.85 -36.11
C PHE E 124 1.18 21.06 -36.71
N PRO E 125 2.45 20.96 -37.17
CA PRO E 125 3.11 22.08 -37.86
C PRO E 125 2.59 22.47 -39.27
N PRO E 126 2.74 23.75 -39.64
CA PRO E 126 2.37 24.22 -40.98
C PRO E 126 3.02 23.36 -42.03
N TYR E 127 2.31 23.05 -43.11
CA TYR E 127 2.94 22.44 -44.28
C TYR E 127 2.28 22.93 -45.56
N THR E 128 3.06 23.08 -46.63
CA THR E 128 2.58 23.76 -47.82
C THR E 128 2.78 23.03 -49.11
N PHE E 129 2.06 23.52 -50.11
CA PHE E 129 2.06 23.03 -51.49
C PHE E 129 3.46 23.06 -52.10
N GLU E 130 4.35 23.82 -51.45
CA GLU E 130 5.77 23.92 -51.83
C GLU E 130 6.64 22.73 -51.42
N ASP E 131 6.53 22.31 -50.17
CA ASP E 131 7.23 21.11 -49.74
C ASP E 131 6.62 19.78 -50.24
N TRP E 132 5.31 19.75 -50.50
CA TRP E 132 4.60 18.49 -50.59
C TRP E 132 3.69 18.39 -51.81
N GLU E 133 3.71 17.23 -52.48
CA GLU E 133 2.64 16.91 -53.39
C GLU E 133 1.75 15.75 -52.93
N VAL E 134 0.56 15.69 -53.51
CA VAL E 134 -0.46 14.75 -53.06
C VAL E 134 -0.37 13.53 -53.94
N GLU E 135 -0.07 12.41 -53.31
CA GLU E 135 -0.03 11.15 -54.03
C GLU E 135 -1.43 10.53 -54.12
N SER E 136 -2.22 10.67 -53.06
CA SER E 136 -3.64 10.37 -53.13
C SER E 136 -4.46 11.22 -52.17
N SER E 137 -5.72 11.40 -52.51
CA SER E 137 -6.64 12.15 -51.66
C SER E 137 -7.98 11.43 -51.77
N VAL E 138 -8.55 11.00 -50.63
CA VAL E 138 -9.77 10.19 -50.66
C VAL E 138 -10.67 10.75 -49.57
N GLU E 139 -11.86 11.20 -49.96
CA GLU E 139 -12.86 11.67 -48.99
C GLU E 139 -13.32 10.47 -48.18
N GLY E 140 -13.37 10.60 -46.86
CA GLY E 140 -13.90 9.54 -46.05
C GLY E 140 -15.40 9.38 -46.27
N GLN E 141 -15.84 8.15 -46.16
CA GLN E 141 -17.25 7.79 -46.24
C GLN E 141 -17.99 8.20 -44.98
N LEU E 142 -19.07 8.97 -45.13
CA LEU E 142 -19.91 9.28 -43.99
C LEU E 142 -20.99 8.21 -43.83
N ASP E 143 -21.25 7.83 -42.60
CA ASP E 143 -22.31 6.89 -42.32
C ASP E 143 -22.74 7.07 -40.88
N GLU E 144 -23.36 6.06 -40.30
CA GLU E 144 -23.93 6.19 -38.93
C GLU E 144 -22.84 6.42 -37.91
N LYS E 145 -21.64 5.93 -38.21
CA LYS E 145 -20.59 5.86 -37.20
C LYS E 145 -19.54 6.91 -37.51
N ASN E 146 -19.56 7.43 -38.74
CA ASN E 146 -18.62 8.46 -39.12
C ASN E 146 -19.32 9.68 -39.66
N THR E 147 -19.34 10.74 -38.86
CA THR E 147 -20.41 11.69 -38.99
C THR E 147 -19.87 13.09 -39.12
N ILE E 148 -18.56 13.26 -39.26
CA ILE E 148 -17.98 14.58 -39.54
C ILE E 148 -17.12 14.40 -40.79
N PRO E 149 -17.22 15.34 -41.75
CA PRO E 149 -16.45 15.22 -42.99
C PRO E 149 -14.98 15.10 -42.71
N HIS E 150 -14.30 14.30 -43.51
CA HIS E 150 -12.90 14.04 -43.33
C HIS E 150 -12.27 13.58 -44.62
N THR E 151 -10.97 13.80 -44.76
CA THR E 151 -10.25 13.47 -46.01
C THR E 151 -8.94 12.81 -45.65
N PHE E 152 -8.63 11.70 -46.33
CA PHE E 152 -7.37 11.00 -46.18
C PHE E 152 -6.39 11.43 -47.25
N LEU E 153 -5.32 12.09 -46.84
CA LEU E 153 -4.29 12.55 -47.77
C LEU E 153 -3.02 11.74 -47.63
N HIS E 154 -2.39 11.44 -48.75
CA HIS E 154 -1.05 10.89 -48.70
C HIS E 154 -0.13 11.86 -49.44
N LEU E 155 0.77 12.50 -48.70
CA LEU E 155 1.64 13.53 -49.26
C LEU E 155 3.06 12.98 -49.33
N VAL E 156 3.74 13.28 -50.42
CA VAL E 156 5.15 12.94 -50.58
C VAL E 156 5.93 14.20 -50.89
N ARG E 157 7.19 14.24 -50.56
CA ARG E 157 8.01 15.43 -50.84
C ARG E 157 8.02 15.86 -52.30
N ARG E 158 7.98 17.16 -52.54
CA ARG E 158 7.81 17.68 -53.91
C ARG E 158 9.16 17.83 -54.61
N THR F 2 -17.05 -37.54 17.30
CA THR F 2 -17.46 -37.42 15.88
C THR F 2 -16.29 -36.82 15.08
N LEU F 3 -16.09 -37.34 13.88
CA LEU F 3 -15.14 -36.73 12.96
C LEU F 3 -15.93 -36.18 11.74
N SER F 4 -15.89 -34.86 11.53
CA SER F 4 -16.74 -34.21 10.48
C SER F 4 -15.81 -33.50 9.49
N ILE F 5 -16.11 -33.52 8.19
CA ILE F 5 -15.65 -32.42 7.30
C ILE F 5 -16.47 -31.13 7.48
N ILE F 6 -15.82 -29.98 7.41
CA ILE F 6 -16.57 -28.77 7.17
C ILE F 6 -15.88 -28.01 6.01
N VAL F 7 -16.66 -27.62 4.98
CA VAL F 7 -16.10 -27.09 3.71
C VAL F 7 -17.08 -26.08 3.04
N ALA F 8 -16.56 -25.07 2.34
CA ALA F 8 -17.39 -24.23 1.46
C ALA F 8 -16.82 -24.37 0.09
N HIS F 9 -17.66 -24.78 -0.86
CA HIS F 9 -17.21 -24.95 -2.23
C HIS F 9 -18.23 -24.40 -3.23
N ASP F 10 -17.75 -23.99 -4.42
CA ASP F 10 -18.70 -23.46 -5.41
C ASP F 10 -19.27 -24.59 -6.27
N LYS F 11 -19.98 -24.28 -7.36
CA LYS F 11 -20.68 -25.29 -8.13
C LYS F 11 -19.81 -26.32 -8.86
N GLN F 12 -18.57 -25.94 -9.15
N GLN F 12 -18.55 -25.97 -9.07
CA GLN F 12 -17.58 -26.89 -9.66
CA GLN F 12 -17.56 -26.85 -9.69
C GLN F 12 -16.54 -27.12 -8.54
C GLN F 12 -16.86 -27.78 -8.68
N ARG F 13 -17.07 -27.48 -7.38
CA ARG F 13 -16.23 -27.95 -6.26
C ARG F 13 -14.94 -27.14 -5.95
N VAL F 14 -14.84 -25.92 -6.44
CA VAL F 14 -13.73 -25.04 -6.13
C VAL F 14 -13.72 -24.64 -4.65
N ILE F 15 -12.58 -24.79 -3.95
CA ILE F 15 -12.46 -24.43 -2.54
C ILE F 15 -11.43 -23.35 -2.33
N GLY F 16 -10.68 -23.03 -3.37
CA GLY F 16 -9.83 -21.88 -3.31
C GLY F 16 -9.18 -21.65 -4.67
N TYR F 17 -8.62 -20.50 -4.81
CA TYR F 17 -7.76 -20.26 -5.96
C TYR F 17 -6.56 -19.60 -5.32
N GLN F 18 -5.37 -20.20 -5.47
CA GLN F 18 -4.20 -19.73 -4.70
C GLN F 18 -4.52 -19.50 -3.21
N ASN F 19 -5.16 -20.50 -2.60
CA ASN F 19 -5.47 -20.46 -1.15
C ASN F 19 -6.32 -19.32 -0.60
N GLN F 20 -7.15 -18.72 -1.44
CA GLN F 20 -8.03 -17.62 -0.99
C GLN F 20 -9.46 -18.02 -1.41
N LEU F 21 -10.48 -17.51 -0.71
CA LEU F 21 -11.90 -17.77 -1.13
C LEU F 21 -12.39 -16.68 -2.10
N PRO F 22 -12.84 -17.07 -3.30
CA PRO F 22 -13.34 -16.03 -4.25
C PRO F 22 -14.59 -15.26 -3.78
N TRP F 23 -15.47 -15.89 -3.01
CA TRP F 23 -16.62 -15.23 -2.43
C TRP F 23 -16.35 -14.76 -1.03
N HIS F 24 -17.13 -13.78 -0.60
CA HIS F 24 -17.15 -13.38 0.79
C HIS F 24 -18.56 -13.58 1.36
N LEU F 25 -18.71 -14.51 2.30
CA LEU F 25 -20.03 -14.88 2.78
C LEU F 25 -20.05 -14.95 4.29
N PRO F 26 -20.43 -13.84 4.94
CA PRO F 26 -20.54 -13.79 6.39
C PRO F 26 -21.40 -14.86 7.04
N ASN F 27 -22.46 -15.32 6.35
CA ASN F 27 -23.31 -16.37 6.92
C ASN F 27 -22.50 -17.63 7.09
N ASP F 28 -21.55 -17.85 6.17
CA ASP F 28 -20.72 -19.07 6.20
C ASP F 28 -19.69 -18.98 7.33
N LEU F 29 -19.07 -17.82 7.48
CA LEU F 29 -18.22 -17.56 8.63
C LEU F 29 -18.96 -17.76 9.96
N LYS F 30 -20.18 -17.26 10.06
CA LYS F 30 -21.00 -17.45 11.29
C LYS F 30 -21.39 -18.92 11.48
N HIS F 31 -21.60 -19.61 10.37
CA HIS F 31 -21.85 -21.06 10.38
C HIS F 31 -20.68 -21.86 10.99
N ILE F 32 -19.45 -21.58 10.54
CA ILE F 32 -18.27 -22.20 11.07
C ILE F 32 -18.20 -21.89 12.57
N LYS F 33 -18.43 -20.64 12.94
CA LYS F 33 -18.32 -20.25 14.35
C LYS F 33 -19.29 -21.04 15.22
N GLN F 34 -20.52 -21.23 14.74
CA GLN F 34 -21.53 -21.91 15.56
C GLN F 34 -21.24 -23.40 15.68
N LEU F 35 -20.73 -24.00 14.61
CA LEU F 35 -20.43 -25.43 14.62
C LEU F 35 -19.16 -25.77 15.39
N THR F 36 -18.11 -24.93 15.27
CA THR F 36 -16.80 -25.36 15.71
C THR F 36 -16.31 -24.71 17.02
N THR F 37 -16.96 -23.64 17.47
CA THR F 37 -16.57 -23.00 18.72
C THR F 37 -16.66 -24.04 19.84
N GLY F 38 -15.61 -24.17 20.65
CA GLY F 38 -15.63 -25.15 21.74
C GLY F 38 -15.28 -26.55 21.25
N ASN F 39 -15.08 -26.72 19.96
CA ASN F 39 -14.64 -28.01 19.45
C ASN F 39 -13.20 -27.93 18.94
N THR F 40 -12.82 -28.82 18.01
CA THR F 40 -11.43 -28.93 17.54
C THR F 40 -11.45 -28.78 16.02
N LEU F 41 -10.56 -27.96 15.49
CA LEU F 41 -10.30 -27.88 14.04
C LEU F 41 -8.97 -28.49 13.69
N VAL F 42 -8.94 -29.28 12.63
CA VAL F 42 -7.71 -29.74 12.10
C VAL F 42 -7.57 -29.13 10.72
N MET F 43 -6.46 -28.49 10.42
CA MET F 43 -6.30 -27.86 9.11
C MET F 43 -4.85 -27.97 8.64
N ALA F 44 -4.65 -28.07 7.33
CA ALA F 44 -3.35 -28.02 6.74
C ALA F 44 -2.69 -26.69 7.02
N ARG F 45 -1.35 -26.67 6.94
CA ARG F 45 -0.54 -25.48 7.26
C ARG F 45 -0.95 -24.30 6.40
N LYS F 46 -1.15 -24.56 5.11
CA LYS F 46 -1.45 -23.51 4.11
C LYS F 46 -2.79 -22.87 4.38
N THR F 47 -3.75 -23.69 4.81
CA THR F 47 -5.00 -23.15 5.28
C THR F 47 -4.82 -22.25 6.49
N PHE F 48 -4.13 -22.75 7.51
CA PHE F 48 -3.80 -21.91 8.64
C PHE F 48 -3.12 -20.62 8.20
N GLU F 49 -2.18 -20.75 7.29
CA GLU F 49 -1.44 -19.56 6.90
C GLU F 49 -2.27 -18.59 6.09
N SER F 50 -3.24 -19.11 5.35
N SER F 50 -3.23 -19.09 5.31
CA SER F 50 -4.17 -18.27 4.60
CA SER F 50 -4.14 -18.17 4.60
C SER F 50 -5.00 -17.38 5.52
C SER F 50 -4.92 -17.32 5.59
N ILE F 51 -5.44 -17.93 6.65
CA ILE F 51 -6.22 -17.19 7.60
C ILE F 51 -5.34 -16.23 8.40
N GLY F 52 -4.15 -16.69 8.81
CA GLY F 52 -3.13 -15.84 9.45
C GLY F 52 -3.14 -15.80 10.95
N LYS F 53 -4.02 -16.59 11.58
CA LYS F 53 -4.09 -16.67 13.03
C LYS F 53 -5.03 -17.80 13.35
N PRO F 54 -4.99 -18.31 14.61
CA PRO F 54 -5.96 -19.30 15.04
C PRO F 54 -7.36 -18.72 15.14
N LEU F 55 -8.36 -19.57 14.94
CA LEU F 55 -9.70 -19.15 15.30
C LEU F 55 -9.88 -19.34 16.80
N PRO F 56 -10.48 -18.33 17.46
CA PRO F 56 -10.63 -18.24 18.91
C PRO F 56 -11.62 -19.21 19.53
N ASN F 57 -11.40 -19.56 20.79
CA ASN F 57 -12.42 -20.26 21.57
C ASN F 57 -12.69 -21.65 21.03
N ARG F 58 -11.67 -22.22 20.38
CA ARG F 58 -11.69 -23.67 20.09
C ARG F 58 -10.27 -24.16 19.92
N ARG F 59 -10.08 -25.47 19.85
CA ARG F 59 -8.76 -26.02 19.75
C ARG F 59 -8.36 -26.01 18.30
N ASN F 60 -7.23 -25.37 17.96
CA ASN F 60 -6.74 -25.38 16.58
C ASN F 60 -5.59 -26.34 16.43
N VAL F 61 -5.68 -27.28 15.49
CA VAL F 61 -4.59 -28.24 15.25
C VAL F 61 -4.13 -28.08 13.82
N VAL F 62 -2.83 -27.96 13.59
CA VAL F 62 -2.29 -27.79 12.24
C VAL F 62 -1.49 -29.02 11.87
N LEU F 63 -1.73 -29.54 10.67
CA LEU F 63 -1.09 -30.74 10.17
C LEU F 63 -0.03 -30.25 9.23
N THR F 64 1.23 -30.56 9.53
CA THR F 64 2.33 -30.10 8.68
C THR F 64 3.50 -31.08 8.81
N ASN F 65 4.30 -31.18 7.76
CA ASN F 65 5.58 -31.89 7.78
C ASN F 65 6.78 -30.98 8.01
N GLN F 66 6.56 -29.67 8.06
CA GLN F 66 7.60 -28.72 8.41
C GLN F 66 7.97 -28.71 9.87
N ALA F 67 9.18 -29.17 10.17
CA ALA F 67 9.61 -29.31 11.57
C ALA F 67 9.92 -27.94 12.19
N SER F 68 10.04 -26.92 11.35
CA SER F 68 10.24 -25.54 11.87
C SER F 68 8.95 -24.77 12.14
N PHE F 69 7.82 -25.34 11.73
CA PHE F 69 6.54 -24.71 12.02
C PHE F 69 6.27 -24.63 13.50
N HIS F 70 5.95 -23.43 13.99
N HIS F 70 5.98 -23.42 13.98
CA HIS F 70 5.56 -23.27 15.40
CA HIS F 70 5.52 -23.26 15.35
C HIS F 70 4.65 -22.06 15.63
C HIS F 70 4.45 -22.18 15.39
N HIS F 71 3.61 -22.25 16.40
CA HIS F 71 2.75 -21.15 16.76
C HIS F 71 2.22 -21.51 18.11
N GLU F 72 2.17 -20.55 19.01
CA GLU F 72 1.87 -20.84 20.40
C GLU F 72 0.43 -21.27 20.66
N GLY F 73 -0.50 -20.82 19.81
CA GLY F 73 -1.93 -21.05 20.07
C GLY F 73 -2.50 -22.19 19.25
N VAL F 74 -1.65 -23.04 18.68
CA VAL F 74 -2.14 -24.24 17.95
C VAL F 74 -1.38 -25.50 18.40
N ASP F 75 -1.95 -26.69 18.19
CA ASP F 75 -1.20 -27.94 18.42
C ASP F 75 -0.78 -28.44 17.07
N VAL F 76 0.45 -28.94 16.94
CA VAL F 76 0.95 -29.40 15.67
C VAL F 76 0.88 -30.91 15.64
N ILE F 77 0.50 -31.47 14.50
CA ILE F 77 0.59 -32.91 14.26
C ILE F 77 1.28 -33.08 12.93
N ASN F 78 1.80 -34.28 12.68
CA ASN F 78 2.64 -34.51 11.51
C ASN F 78 2.12 -35.66 10.69
N SER F 79 1.12 -36.35 11.19
CA SER F 79 0.54 -37.38 10.36
C SER F 79 -0.96 -37.54 10.54
N LEU F 80 -1.60 -38.11 9.53
CA LEU F 80 -3.04 -38.30 9.59
C LEU F 80 -3.45 -39.12 10.79
N ASP F 81 -2.56 -40.03 11.22
CA ASP F 81 -2.91 -41.02 12.24
C ASP F 81 -3.17 -40.34 13.57
N GLU F 82 -2.50 -39.23 13.80
CA GLU F 82 -2.75 -38.39 14.97
C GLU F 82 -4.15 -37.85 15.08
N ILE F 83 -4.87 -37.77 13.95
CA ILE F 83 -6.22 -37.22 13.95
C ILE F 83 -7.18 -38.06 14.81
N LYS F 84 -7.09 -39.38 14.69
CA LYS F 84 -7.94 -40.30 15.46
C LYS F 84 -7.67 -40.23 16.95
N GLU F 85 -6.46 -39.80 17.31
CA GLU F 85 -6.06 -39.62 18.70
C GLU F 85 -6.73 -38.41 19.37
N LEU F 86 -7.22 -37.46 18.57
CA LEU F 86 -7.83 -36.24 19.11
C LEU F 86 -9.21 -36.53 19.67
N SER F 87 -9.55 -35.99 20.82
CA SER F 87 -10.87 -36.29 21.36
C SER F 87 -11.88 -35.17 21.15
N GLY F 88 -13.16 -35.48 21.36
CA GLY F 88 -14.23 -34.51 21.16
C GLY F 88 -14.71 -34.51 19.71
N HIS F 89 -15.46 -33.49 19.35
CA HIS F 89 -15.95 -33.38 18.00
C HIS F 89 -14.82 -32.73 17.18
N VAL F 90 -14.29 -33.44 16.21
CA VAL F 90 -13.18 -32.89 15.43
C VAL F 90 -13.66 -32.52 14.02
N PHE F 91 -13.27 -31.33 13.53
CA PHE F 91 -13.67 -30.87 12.16
C PHE F 91 -12.42 -30.78 11.28
N ILE F 92 -12.47 -31.42 10.12
CA ILE F 92 -11.41 -31.30 9.12
C ILE F 92 -11.78 -30.00 8.35
N PHE F 93 -10.90 -29.01 8.39
CA PHE F 93 -11.20 -27.63 8.05
C PHE F 93 -10.49 -27.25 6.72
N GLY F 94 -9.79 -28.21 6.11
CA GLY F 94 -9.12 -28.03 4.79
C GLY F 94 -7.61 -28.14 4.86
N GLY F 95 -6.89 -28.03 3.74
CA GLY F 95 -7.45 -27.88 2.42
C GLY F 95 -7.53 -29.19 1.69
N GLN F 96 -7.21 -29.13 0.39
CA GLN F 96 -7.60 -30.17 -0.54
C GLN F 96 -7.00 -31.53 -0.18
N THR F 97 -5.69 -31.55 0.14
CA THR F 97 -5.03 -32.85 0.34
C THR F 97 -5.61 -33.52 1.58
N LEU F 98 -5.86 -32.70 2.59
CA LEU F 98 -6.49 -33.20 3.79
C LEU F 98 -7.90 -33.76 3.54
N TYR F 99 -8.67 -33.08 2.69
CA TYR F 99 -10.06 -33.52 2.44
C TYR F 99 -9.98 -34.83 1.65
N GLU F 100 -9.03 -34.92 0.72
CA GLU F 100 -8.96 -36.14 -0.08
C GLU F 100 -8.56 -37.29 0.79
N ALA F 101 -7.74 -36.99 1.81
CA ALA F 101 -7.28 -38.03 2.76
C ALA F 101 -8.40 -38.48 3.68
N MET F 102 -9.29 -37.56 4.04
CA MET F 102 -10.24 -37.77 5.12
C MET F 102 -11.65 -38.09 4.67
N ILE F 103 -11.99 -37.77 3.42
CA ILE F 103 -13.40 -37.91 3.01
C ILE F 103 -13.94 -39.34 3.18
N ASP F 104 -13.10 -40.37 2.94
CA ASP F 104 -13.56 -41.76 3.18
C ASP F 104 -13.57 -42.18 4.64
N GLN F 105 -13.13 -41.28 5.53
CA GLN F 105 -12.94 -41.56 6.97
C GLN F 105 -13.98 -40.91 7.87
N VAL F 106 -14.45 -39.72 7.48
CA VAL F 106 -15.30 -38.93 8.33
C VAL F 106 -16.72 -39.50 8.51
N ASP F 107 -17.36 -39.14 9.62
CA ASP F 107 -18.74 -39.58 9.87
C ASP F 107 -19.76 -38.78 9.06
N ASP F 108 -19.50 -37.48 8.91
CA ASP F 108 -20.42 -36.58 8.25
C ASP F 108 -19.70 -35.38 7.65
N MET F 109 -20.44 -34.54 6.92
CA MET F 109 -19.86 -33.36 6.26
C MET F 109 -20.82 -32.22 6.37
N TYR F 110 -20.30 -31.06 6.79
CA TYR F 110 -21.03 -29.82 6.77
C TYR F 110 -20.55 -29.00 5.58
N ILE F 111 -21.34 -29.00 4.51
CA ILE F 111 -20.95 -28.34 3.24
C ILE F 111 -21.75 -27.06 3.03
N THR F 112 -21.05 -25.98 2.73
CA THR F 112 -21.74 -24.81 2.26
C THR F 112 -21.49 -24.78 0.76
N VAL F 113 -22.55 -24.97 -0.04
CA VAL F 113 -22.43 -24.80 -1.53
C VAL F 113 -22.79 -23.41 -2.00
N ILE F 114 -21.83 -22.74 -2.65
CA ILE F 114 -21.98 -21.39 -3.13
C ILE F 114 -22.39 -21.51 -4.62
N ASP F 115 -23.47 -20.84 -4.99
CA ASP F 115 -24.03 -20.95 -6.36
C ASP F 115 -23.24 -19.99 -7.27
N GLY F 116 -22.03 -20.42 -7.62
CA GLY F 116 -21.09 -19.59 -8.39
C GLY F 116 -20.19 -20.52 -9.20
N LYS F 117 -19.55 -20.01 -10.25
CA LYS F 117 -18.57 -20.81 -10.96
C LYS F 117 -17.30 -20.01 -11.11
N PHE F 118 -16.47 -19.99 -10.06
CA PHE F 118 -15.29 -19.10 -10.06
C PHE F 118 -14.08 -19.83 -10.66
N GLN F 119 -13.01 -19.09 -10.91
CA GLN F 119 -11.79 -19.74 -11.41
C GLN F 119 -11.08 -20.32 -10.18
N GLY F 120 -10.83 -21.62 -10.18
CA GLY F 120 -10.25 -22.31 -9.04
C GLY F 120 -9.13 -23.27 -9.44
N ASP F 121 -8.19 -23.48 -8.51
CA ASP F 121 -7.12 -24.44 -8.75
C ASP F 121 -7.11 -25.54 -7.69
N THR F 122 -7.90 -25.37 -6.62
CA THR F 122 -8.14 -26.46 -5.68
C THR F 122 -9.60 -26.78 -5.45
N PHE F 123 -9.89 -28.07 -5.35
CA PHE F 123 -11.20 -28.59 -5.48
C PHE F 123 -11.42 -29.53 -4.31
N PHE F 124 -12.68 -29.64 -3.90
CA PHE F 124 -13.11 -30.69 -3.00
C PHE F 124 -13.29 -31.95 -3.83
N PRO F 125 -13.07 -33.11 -3.23
CA PRO F 125 -13.26 -34.34 -4.01
C PRO F 125 -14.75 -34.57 -4.36
N PRO F 126 -15.02 -35.40 -5.39
CA PRO F 126 -16.38 -35.74 -5.79
C PRO F 126 -17.07 -36.49 -4.68
N TYR F 127 -18.35 -36.24 -4.49
CA TYR F 127 -19.15 -37.05 -3.60
C TYR F 127 -20.53 -37.19 -4.19
N THR F 128 -21.19 -38.33 -3.93
CA THR F 128 -22.39 -38.67 -4.68
C THR F 128 -23.49 -39.17 -3.79
N PHE F 129 -24.67 -39.27 -4.40
CA PHE F 129 -25.94 -39.51 -3.69
C PHE F 129 -25.97 -40.89 -3.10
N GLU F 130 -25.04 -41.71 -3.57
CA GLU F 130 -24.90 -43.10 -3.21
C GLU F 130 -24.09 -43.34 -1.94
N ASP F 131 -23.04 -42.55 -1.73
CA ASP F 131 -22.33 -42.59 -0.48
C ASP F 131 -23.00 -41.79 0.64
N TRP F 132 -23.78 -40.78 0.28
CA TRP F 132 -24.15 -39.74 1.22
C TRP F 132 -25.64 -39.44 1.21
N GLU F 133 -26.20 -39.37 2.41
CA GLU F 133 -27.57 -38.95 2.54
C GLU F 133 -27.67 -37.60 3.27
N VAL F 134 -28.71 -36.82 2.96
CA VAL F 134 -28.83 -35.46 3.48
C VAL F 134 -29.61 -35.48 4.76
N GLU F 135 -28.99 -35.00 5.81
CA GLU F 135 -29.63 -34.98 7.10
C GLU F 135 -30.35 -33.65 7.30
N SER F 136 -29.75 -32.56 6.78
CA SER F 136 -30.51 -31.34 6.60
C SER F 136 -29.96 -30.51 5.46
N SER F 137 -30.80 -29.66 4.89
CA SER F 137 -30.43 -28.76 3.78
C SER F 137 -31.19 -27.45 4.01
N VAL F 138 -30.47 -26.36 4.21
CA VAL F 138 -31.09 -25.08 4.56
C VAL F 138 -30.51 -24.05 3.60
N GLU F 139 -31.37 -23.36 2.87
CA GLU F 139 -30.92 -22.31 1.97
C GLU F 139 -30.51 -21.08 2.79
N GLY F 140 -29.38 -20.47 2.46
CA GLY F 140 -28.94 -19.36 3.27
C GLY F 140 -29.77 -18.12 3.00
N GLN F 141 -29.95 -17.30 4.03
CA GLN F 141 -30.64 -16.02 3.92
C GLN F 141 -29.85 -15.06 3.05
N LEU F 142 -30.44 -14.51 1.99
CA LEU F 142 -29.81 -13.39 1.27
C LEU F 142 -30.20 -12.05 1.91
N ASP F 143 -29.23 -11.16 2.04
CA ASP F 143 -29.48 -9.84 2.56
C ASP F 143 -28.39 -8.92 2.06
N GLU F 144 -28.22 -7.78 2.70
CA GLU F 144 -27.26 -6.77 2.20
C GLU F 144 -25.81 -7.25 2.31
N LYS F 145 -25.57 -8.22 3.20
CA LYS F 145 -24.19 -8.67 3.47
C LYS F 145 -23.96 -10.03 2.85
N ASN F 146 -25.03 -10.73 2.48
CA ASN F 146 -24.90 -12.05 1.88
C ASN F 146 -25.65 -12.10 0.56
N THR F 147 -24.90 -12.02 -0.53
CA THR F 147 -25.48 -11.54 -1.74
C THR F 147 -25.27 -12.56 -2.85
N ILE F 148 -24.82 -13.77 -2.50
CA ILE F 148 -24.71 -14.84 -3.50
C ILE F 148 -25.45 -16.04 -2.93
N PRO F 149 -26.29 -16.70 -3.74
CA PRO F 149 -27.04 -17.82 -3.20
C PRO F 149 -26.12 -18.90 -2.70
N HIS F 150 -26.58 -19.61 -1.66
CA HIS F 150 -25.76 -20.58 -1.01
C HIS F 150 -26.67 -21.49 -0.19
N THR F 151 -26.23 -22.73 0.04
CA THR F 151 -27.03 -23.73 0.77
C THR F 151 -26.14 -24.46 1.76
N PHE F 152 -26.66 -24.68 2.97
CA PHE F 152 -25.97 -25.41 3.99
C PHE F 152 -26.49 -26.81 4.03
N LEU F 153 -25.61 -27.75 3.70
CA LEU F 153 -25.92 -29.17 3.70
C LEU F 153 -25.26 -29.89 4.86
N HIS F 154 -26.00 -30.78 5.50
CA HIS F 154 -25.37 -31.67 6.44
C HIS F 154 -25.55 -33.09 5.90
N LEU F 155 -24.46 -33.71 5.47
CA LEU F 155 -24.50 -35.05 4.86
C LEU F 155 -23.94 -36.07 5.84
N VAL F 156 -24.57 -37.25 5.88
CA VAL F 156 -24.11 -38.36 6.68
C VAL F 156 -24.00 -39.58 5.77
N ARG F 157 -23.18 -40.56 6.12
CA ARG F 157 -23.00 -41.74 5.28
C ARG F 157 -24.26 -42.54 5.00
N ARG F 158 -24.43 -42.97 3.75
CA ARG F 158 -25.65 -43.68 3.36
C ARG F 158 -25.54 -45.17 3.65
#